data_6D11
#
_entry.id   6D11
#
_cell.length_a   51.620
_cell.length_b   135.058
_cell.length_c   344.092
_cell.angle_alpha   90.00
_cell.angle_beta   90.00
_cell.angle_gamma   90.00
#
_symmetry.space_group_name_H-M   'C 2 2 21'
#
loop_
_entity.id
_entity.type
_entity.pdbx_description
1 polymer '1450 Antibody, Heavy chain'
2 polymer '1450 Antibody, Light chain'
3 polymer NANP5
#
loop_
_entity_poly.entity_id
_entity_poly.type
_entity_poly.pdbx_seq_one_letter_code
_entity_poly.pdbx_strand_id
1 'polypeptide(L)'
;QVQLLESGGGMVQPGGSLRLSCTASGFSFSNYGMSWVRQAPGKGPEWVSGISGSSGDTYYADSVKGRFTISRDNSKNTVN
LQMNSLRAEDTAVYYCAKEGGFCSSATCYYYFDCWGQGTLVTVSSASTKGPSVFPLAPSSKSTSGGTAALGCLVKDYFPE
PVTVSWNSGALTSGVHTFPAVLQSSGLYSLSSVVTVPSSSLGTQTYICNVNHKPSNTKVDKRVEPKSC
;
A,C
2 'polypeptide(L)'
;DIQMTQSPLSLSASVGDRVTITCRATQSINNWLAWYQQKSGKAPKLLIYKASRLESGVPSRFSGSGSGTEFTLTISSLQP
DDFATYYCQQYGSSWTFGQGTKVEIKRTVAAPSVFIFPPSDEQLKSGTASVVCLLNNFYPREAKVQWKVDNALQSGNSQE
SVTEQDSKDSTYSLSSTLTLSKADYEKHKVYACEVTHQGLSSPVTKSFNRGEC
;
B,D
3 'polypeptide(L)' NANPNANPNANPNANPNANP E
#
# COMPACT_ATOMS: atom_id res chain seq x y z
N GLN A 1 18.74 0.94 29.54
CA GLN A 1 18.71 -0.51 29.61
C GLN A 1 17.27 -1.03 29.50
N VAL A 2 16.89 -1.47 28.30
CA VAL A 2 15.54 -1.94 28.03
C VAL A 2 15.51 -3.46 28.19
N GLN A 3 14.54 -3.96 28.93
CA GLN A 3 14.42 -5.38 29.21
C GLN A 3 12.98 -5.73 29.50
N LEU A 4 12.60 -6.95 29.12
CA LEU A 4 11.27 -7.48 29.37
C LEU A 4 11.40 -8.80 30.12
N LEU A 5 10.58 -8.98 31.16
CA LEU A 5 10.69 -10.14 32.04
C LEU A 5 9.34 -10.83 32.10
N GLU A 6 9.29 -12.08 31.61
CA GLU A 6 8.06 -12.85 31.63
C GLU A 6 7.89 -13.56 32.97
N SER A 7 6.68 -14.08 33.18
CA SER A 7 6.32 -14.81 34.38
C SER A 7 4.93 -15.37 34.21
N GLY A 8 4.66 -16.50 34.87
CA GLY A 8 3.34 -17.09 34.91
C GLY A 8 3.22 -18.43 34.21
N GLY A 9 4.20 -18.81 33.39
CA GLY A 9 4.12 -20.07 32.68
C GLY A 9 4.20 -21.26 33.60
N GLY A 10 3.74 -22.40 33.08
CA GLY A 10 3.75 -23.62 33.86
C GLY A 10 3.08 -24.79 33.16
N MET A 11 2.34 -25.58 33.94
CA MET A 11 1.72 -26.81 33.45
C MET A 11 0.24 -26.77 33.76
N VAL A 12 -0.59 -27.07 32.76
CA VAL A 12 -2.04 -27.10 32.91
C VAL A 12 -2.60 -28.27 32.12
N GLN A 13 -3.80 -28.67 32.50
CA GLN A 13 -4.52 -29.73 31.80
C GLN A 13 -5.27 -29.15 30.60
N PRO A 14 -5.55 -29.96 29.59
CA PRO A 14 -6.32 -29.47 28.44
C PRO A 14 -7.70 -28.99 28.89
N GLY A 15 -8.07 -27.79 28.46
CA GLY A 15 -9.29 -27.15 28.88
C GLY A 15 -9.13 -26.14 30.00
N GLY A 16 -8.08 -26.29 30.81
CA GLY A 16 -7.81 -25.34 31.87
C GLY A 16 -7.36 -23.99 31.34
N SER A 17 -7.08 -23.09 32.27
CA SER A 17 -6.68 -21.73 31.94
C SER A 17 -5.40 -21.36 32.66
N LEU A 18 -4.66 -20.42 32.09
CA LEU A 18 -3.41 -19.95 32.67
C LEU A 18 -3.25 -18.47 32.32
N ARG A 19 -2.44 -17.78 33.12
CA ARG A 19 -2.23 -16.34 32.97
C ARG A 19 -0.74 -16.04 32.94
N LEU A 20 -0.32 -15.27 31.94
CA LEU A 20 1.05 -14.82 31.81
C LEU A 20 1.18 -13.36 32.20
N SER A 21 2.42 -12.95 32.44
CA SER A 21 2.75 -11.56 32.75
C SER A 21 4.07 -11.21 32.06
N CYS A 22 4.36 -9.92 32.04
CA CYS A 22 5.59 -9.42 31.40
C CYS A 22 5.85 -8.02 31.93
N THR A 23 6.90 -7.87 32.74
CA THR A 23 7.25 -6.59 33.34
C THR A 23 8.30 -5.91 32.46
N ALA A 24 8.00 -4.69 32.01
CA ALA A 24 8.89 -3.95 31.14
C ALA A 24 9.48 -2.76 31.87
N SER A 25 10.73 -2.44 31.53
CA SER A 25 11.46 -1.36 32.18
C SER A 25 12.60 -0.92 31.27
N GLY A 26 12.95 0.35 31.36
CA GLY A 26 14.03 0.93 30.57
C GLY A 26 13.56 1.89 29.51
N PHE A 27 12.30 1.82 29.11
CA PHE A 27 11.78 2.70 28.07
C PHE A 27 10.49 3.37 28.56
N SER A 28 9.74 3.97 27.65
CA SER A 28 8.48 4.63 27.98
C SER A 28 7.36 3.69 27.58
N PHE A 29 6.94 2.86 28.54
CA PHE A 29 5.91 1.84 28.28
C PHE A 29 4.67 2.43 27.63
N SER A 30 4.24 3.62 28.07
CA SER A 30 3.01 4.22 27.56
C SER A 30 3.09 4.45 26.05
N ASN A 31 4.27 4.81 25.53
CA ASN A 31 4.39 5.14 24.12
C ASN A 31 4.30 3.90 23.24
N TYR A 32 5.15 2.91 23.50
CA TYR A 32 5.30 1.77 22.61
C TYR A 32 4.22 0.72 22.86
N GLY A 33 3.77 0.07 21.77
CA GLY A 33 2.84 -1.02 21.89
C GLY A 33 3.53 -2.36 22.08
N MET A 34 2.82 -3.30 22.68
CA MET A 34 3.34 -4.60 23.04
C MET A 34 2.69 -5.70 22.21
N SER A 35 3.14 -6.94 22.45
CA SER A 35 2.69 -8.10 21.70
C SER A 35 3.19 -9.35 22.40
N TRP A 36 2.60 -10.48 22.05
CA TRP A 36 2.99 -11.79 22.58
C TRP A 36 3.29 -12.71 21.41
N VAL A 37 4.52 -13.19 21.33
CA VAL A 37 4.97 -14.09 20.27
C VAL A 37 5.33 -15.43 20.89
N ARG A 38 4.85 -16.52 20.29
CA ARG A 38 5.15 -17.86 20.75
C ARG A 38 5.80 -18.65 19.62
N GLN A 39 6.49 -19.72 20.00
CA GLN A 39 7.09 -20.63 19.03
C GLN A 39 6.99 -22.06 19.57
N ALA A 40 6.27 -22.91 18.87
CA ALA A 40 6.18 -24.30 19.27
C ALA A 40 7.46 -25.04 18.89
N PRO A 41 7.98 -25.89 19.78
CA PRO A 41 9.22 -26.62 19.49
C PRO A 41 9.11 -27.44 18.20
N GLY A 42 9.94 -27.09 17.23
CA GLY A 42 9.96 -27.79 15.95
C GLY A 42 9.27 -27.08 14.81
N LYS A 43 8.70 -25.90 15.05
CA LYS A 43 8.00 -25.14 14.03
C LYS A 43 8.52 -23.70 14.04
N GLY A 44 7.97 -22.87 13.15
CA GLY A 44 8.36 -21.48 13.09
C GLY A 44 7.57 -20.64 14.05
N PRO A 45 8.10 -19.47 14.40
CA PRO A 45 7.38 -18.59 15.33
C PRO A 45 6.07 -18.09 14.72
N GLU A 46 5.13 -17.78 15.59
CA GLU A 46 3.85 -17.25 15.17
C GLU A 46 3.44 -16.14 16.13
N TRP A 47 2.85 -15.08 15.57
CA TRP A 47 2.30 -14.02 16.41
C TRP A 47 1.01 -14.49 17.04
N VAL A 48 0.83 -14.16 18.32
CA VAL A 48 -0.31 -14.62 19.10
C VAL A 48 -1.26 -13.48 19.44
N SER A 49 -0.80 -12.51 20.20
CA SER A 49 -1.64 -11.41 20.65
C SER A 49 -0.90 -10.09 20.51
N GLY A 50 -1.64 -8.99 20.61
CA GLY A 50 -1.05 -7.68 20.49
C GLY A 50 -1.95 -6.58 21.04
N ILE A 51 -1.34 -5.57 21.68
CA ILE A 51 -2.08 -4.45 22.25
C ILE A 51 -1.32 -3.17 21.98
N SER A 52 -2.06 -2.06 21.86
CA SER A 52 -1.45 -0.76 21.68
C SER A 52 -0.97 -0.21 23.02
N GLY A 53 -0.24 0.92 22.95
CA GLY A 53 0.33 1.48 24.16
C GLY A 53 -0.69 2.18 25.04
N SER A 54 -1.54 2.98 24.44
CA SER A 54 -2.48 3.80 25.21
C SER A 54 -3.93 3.63 24.78
N SER A 55 -4.19 3.50 23.48
CA SER A 55 -5.56 3.47 22.98
C SER A 55 -6.34 2.29 23.54
N GLY A 56 -5.73 1.11 23.57
CA GLY A 56 -6.38 -0.08 24.05
C GLY A 56 -6.89 -1.02 22.98
N ASP A 57 -6.54 -0.77 21.72
CA ASP A 57 -6.93 -1.68 20.65
C ASP A 57 -6.11 -2.96 20.75
N THR A 58 -6.79 -4.11 20.64
CA THR A 58 -6.15 -5.41 20.82
C THR A 58 -6.37 -6.28 19.59
N TYR A 59 -5.36 -7.11 19.30
CA TYR A 59 -5.40 -8.02 18.17
C TYR A 59 -4.94 -9.41 18.62
N TYR A 60 -5.52 -10.43 18.00
CA TYR A 60 -5.22 -11.82 18.34
C TYR A 60 -4.98 -12.62 17.07
N ALA A 61 -4.26 -13.73 17.21
CA ALA A 61 -4.00 -14.62 16.10
C ALA A 61 -5.26 -15.38 15.70
N ASP A 62 -5.23 -15.91 14.47
CA ASP A 62 -6.36 -16.67 13.96
C ASP A 62 -6.57 -17.95 14.76
N SER A 63 -5.48 -18.62 15.15
CA SER A 63 -5.57 -19.89 15.85
C SER A 63 -5.97 -19.76 17.32
N VAL A 64 -5.93 -18.55 17.88
CA VAL A 64 -6.23 -18.32 19.28
C VAL A 64 -7.33 -17.30 19.49
N LYS A 65 -7.94 -16.80 18.41
CA LYS A 65 -8.95 -15.75 18.54
C LYS A 65 -10.14 -16.25 19.34
N GLY A 66 -10.57 -15.44 20.32
CA GLY A 66 -11.68 -15.79 21.17
C GLY A 66 -11.29 -16.46 22.47
N ARG A 67 -10.14 -17.11 22.53
CA ARG A 67 -9.70 -17.79 23.75
C ARG A 67 -8.79 -16.92 24.61
N PHE A 68 -7.77 -16.30 24.01
CA PHE A 68 -6.83 -15.51 24.78
C PHE A 68 -7.35 -14.09 24.99
N THR A 69 -6.78 -13.42 25.99
CA THR A 69 -7.16 -12.06 26.33
C THR A 69 -5.91 -11.31 26.78
N ILE A 70 -5.54 -10.27 26.04
CA ILE A 70 -4.35 -9.48 26.32
C ILE A 70 -4.76 -8.18 26.98
N SER A 71 -3.99 -7.75 27.97
CA SER A 71 -4.25 -6.49 28.67
C SER A 71 -2.93 -5.92 29.16
N ARG A 72 -2.99 -4.67 29.61
CA ARG A 72 -1.80 -4.00 30.13
C ARG A 72 -2.22 -3.00 31.20
N ASP A 73 -1.28 -2.70 32.08
CA ASP A 73 -1.47 -1.72 33.15
C ASP A 73 -0.29 -0.76 33.07
N ASN A 74 -0.45 0.31 32.30
CA ASN A 74 0.64 1.27 32.13
C ASN A 74 1.04 1.90 33.45
N SER A 75 0.10 2.04 34.38
CA SER A 75 0.44 2.59 35.69
C SER A 75 1.42 1.71 36.45
N LYS A 76 1.34 0.39 36.27
CA LYS A 76 2.25 -0.55 36.90
C LYS A 76 3.26 -1.14 35.93
N ASN A 77 3.26 -0.72 34.66
CA ASN A 77 4.24 -1.15 33.67
C ASN A 77 4.23 -2.66 33.48
N THR A 78 3.06 -3.21 33.18
CA THR A 78 2.91 -4.65 33.01
C THR A 78 1.96 -4.93 31.85
N VAL A 79 2.25 -5.98 31.11
CA VAL A 79 1.34 -6.52 30.09
C VAL A 79 1.08 -7.98 30.43
N ASN A 80 -0.19 -8.38 30.38
CA ASN A 80 -0.61 -9.71 30.82
C ASN A 80 -1.43 -10.38 29.73
N LEU A 81 -1.25 -11.69 29.59
CA LEU A 81 -1.97 -12.49 28.62
C LEU A 81 -2.71 -13.61 29.35
N GLN A 82 -4.03 -13.63 29.24
CA GLN A 82 -4.86 -14.66 29.85
C GLN A 82 -5.18 -15.73 28.82
N MET A 83 -4.89 -16.98 29.16
CA MET A 83 -4.94 -18.10 28.22
C MET A 83 -5.97 -19.12 28.72
N ASN A 84 -7.21 -18.99 28.25
CA ASN A 84 -8.29 -19.87 28.67
C ASN A 84 -8.47 -21.01 27.68
N SER A 85 -8.98 -22.14 28.20
CA SER A 85 -9.25 -23.33 27.40
C SER A 85 -8.03 -23.77 26.60
N LEU A 86 -6.90 -23.92 27.30
CA LEU A 86 -5.65 -24.27 26.64
C LEU A 86 -5.71 -25.68 26.09
N ARG A 87 -5.06 -25.89 24.94
CA ARG A 87 -5.08 -27.15 24.23
C ARG A 87 -3.64 -27.60 23.97
N ALA A 88 -3.51 -28.81 23.41
CA ALA A 88 -2.19 -29.36 23.14
C ALA A 88 -1.41 -28.48 22.18
N GLU A 89 -2.06 -28.00 21.12
CA GLU A 89 -1.39 -27.14 20.16
C GLU A 89 -0.98 -25.80 20.76
N ASP A 90 -1.52 -25.43 21.92
CA ASP A 90 -1.13 -24.19 22.59
C ASP A 90 0.19 -24.33 23.35
N THR A 91 0.71 -25.54 23.50
CA THR A 91 1.98 -25.75 24.17
C THR A 91 3.11 -25.16 23.32
N ALA A 92 3.78 -24.13 23.85
CA ALA A 92 4.85 -23.46 23.14
C ALA A 92 5.65 -22.64 24.15
N VAL A 93 6.61 -21.87 23.64
CA VAL A 93 7.41 -20.95 24.44
C VAL A 93 6.95 -19.54 24.10
N TYR A 94 6.46 -18.82 25.12
CA TYR A 94 5.79 -17.55 24.90
C TYR A 94 6.72 -16.39 25.25
N TYR A 95 6.82 -15.44 24.33
CA TYR A 95 7.60 -14.22 24.51
C TYR A 95 6.66 -13.01 24.55
N CYS A 96 7.15 -11.93 25.14
CA CYS A 96 6.53 -10.61 25.01
C CYS A 96 7.49 -9.70 24.27
N ALA A 97 6.99 -9.01 23.25
CA ALA A 97 7.82 -8.18 22.39
C ALA A 97 7.46 -6.70 22.56
N LYS A 98 8.31 -5.84 22.00
CA LYS A 98 8.12 -4.40 22.10
C LYS A 98 8.15 -3.82 20.70
N GLU A 99 7.30 -2.82 20.45
CA GLU A 99 7.23 -2.20 19.14
C GLU A 99 8.55 -1.49 18.82
N GLY A 100 9.01 -1.66 17.58
CA GLY A 100 10.23 -1.01 17.14
C GLY A 100 9.94 0.33 16.50
N GLY A 101 10.92 1.22 16.58
CA GLY A 101 10.73 2.58 16.09
C GLY A 101 9.71 3.33 16.91
N PHE A 102 8.59 3.71 16.29
CA PHE A 102 7.54 4.45 16.97
C PHE A 102 6.26 4.31 16.15
N CYS A 103 5.18 4.90 16.66
CA CYS A 103 3.94 4.97 15.89
C CYS A 103 3.37 6.38 16.01
N SER A 104 3.09 6.99 14.86
CA SER A 104 2.54 8.34 14.84
C SER A 104 1.05 8.36 15.18
N SER A 105 0.35 7.26 14.91
CA SER A 105 -1.08 7.18 15.21
C SER A 105 -1.31 6.67 16.63
N ALA A 106 -2.35 5.88 16.84
CA ALA A 106 -2.68 5.33 18.14
C ALA A 106 -2.33 3.85 18.27
N THR A 107 -2.76 3.04 17.30
CA THR A 107 -2.43 1.62 17.26
C THR A 107 -1.98 1.27 15.86
N CYS A 108 -0.91 0.50 15.74
CA CYS A 108 -0.44 0.18 14.41
C CYS A 108 0.46 -1.06 14.44
N TYR A 109 0.75 -1.57 13.25
CA TYR A 109 1.61 -2.73 13.07
C TYR A 109 3.08 -2.32 13.12
N TYR A 110 3.94 -3.27 13.47
CA TYR A 110 5.33 -2.93 13.75
C TYR A 110 6.20 -4.18 13.69
N TYR A 111 7.50 -3.96 13.85
CA TYR A 111 8.49 -5.00 14.06
C TYR A 111 8.91 -5.00 15.52
N PHE A 112 9.45 -6.13 15.97
CA PHE A 112 9.84 -6.31 17.37
C PHE A 112 11.35 -6.10 17.49
N ASP A 113 11.76 -5.14 18.32
CA ASP A 113 13.17 -4.85 18.52
C ASP A 113 13.73 -5.46 19.80
N CYS A 114 12.94 -5.49 20.88
CA CYS A 114 13.38 -6.05 22.15
C CYS A 114 12.47 -7.21 22.53
N TRP A 115 13.08 -8.28 23.05
CA TRP A 115 12.36 -9.48 23.45
C TRP A 115 12.61 -9.76 24.93
N GLY A 116 11.74 -10.60 25.50
CA GLY A 116 11.96 -11.12 26.83
C GLY A 116 12.72 -12.42 26.80
N GLN A 117 13.04 -12.94 28.00
CA GLN A 117 13.78 -14.20 28.08
C GLN A 117 12.96 -15.35 27.50
N GLY A 118 11.66 -15.39 27.78
CA GLY A 118 10.82 -16.46 27.29
C GLY A 118 10.35 -17.39 28.38
N THR A 119 9.05 -17.62 28.44
CA THR A 119 8.45 -18.51 29.44
C THR A 119 7.80 -19.69 28.74
N LEU A 120 7.70 -20.80 29.46
CA LEU A 120 7.25 -22.07 28.90
C LEU A 120 5.84 -22.39 29.40
N VAL A 121 4.96 -22.72 28.45
CA VAL A 121 3.57 -23.08 28.74
C VAL A 121 3.32 -24.47 28.19
N THR A 122 3.02 -25.42 29.08
CA THR A 122 2.79 -26.81 28.71
C THR A 122 1.35 -27.21 29.02
N VAL A 123 0.72 -27.90 28.07
CA VAL A 123 -0.68 -28.32 28.18
C VAL A 123 -0.72 -29.81 27.87
N SER A 124 -0.99 -30.62 28.88
CA SER A 124 -1.06 -32.07 28.72
C SER A 124 -1.72 -32.68 29.96
N SER A 125 -2.37 -33.82 29.76
CA SER A 125 -2.86 -34.62 30.88
C SER A 125 -1.66 -35.26 31.56
N ALA A 126 -1.09 -34.56 32.54
CA ALA A 126 0.26 -34.85 33.01
C ALA A 126 0.26 -36.01 33.99
N SER A 127 0.40 -37.23 33.46
CA SER A 127 0.73 -38.38 34.30
C SER A 127 2.19 -38.23 34.72
N THR A 128 2.42 -37.73 35.94
CA THR A 128 3.79 -37.50 36.40
C THR A 128 4.53 -38.84 36.50
N LYS A 129 5.60 -38.99 35.73
CA LYS A 129 6.33 -40.24 35.67
C LYS A 129 7.82 -40.01 35.87
N GLY A 130 8.46 -40.91 36.61
CA GLY A 130 9.89 -40.87 36.80
C GLY A 130 10.61 -41.48 35.62
N PRO A 131 11.91 -41.19 35.48
CA PRO A 131 12.66 -41.72 34.34
C PRO A 131 13.09 -43.16 34.56
N SER A 132 13.11 -43.91 33.47
CA SER A 132 13.53 -45.31 33.48
C SER A 132 14.87 -45.44 32.77
N VAL A 133 15.91 -45.81 33.50
CA VAL A 133 17.26 -45.92 32.97
C VAL A 133 17.51 -47.38 32.59
N PHE A 134 18.07 -47.60 31.41
CA PHE A 134 18.29 -48.95 30.90
C PHE A 134 19.74 -49.10 30.45
N PRO A 135 20.44 -50.17 30.84
CA PRO A 135 21.85 -50.37 30.47
C PRO A 135 22.02 -50.84 29.03
N GLY A 146 35.50 -54.66 16.16
CA GLY A 146 36.63 -54.02 16.78
C GLY A 146 36.23 -52.93 17.77
N THR A 147 35.39 -52.00 17.33
CA THR A 147 34.90 -50.92 18.16
C THR A 147 33.39 -50.89 18.15
N ALA A 148 32.78 -50.66 19.31
CA ALA A 148 31.34 -50.59 19.44
C ALA A 148 30.98 -49.53 20.46
N ALA A 149 29.82 -48.90 20.27
CA ALA A 149 29.38 -47.79 21.09
C ALA A 149 28.27 -48.26 22.03
N LEU A 150 28.30 -47.75 23.26
CA LEU A 150 27.27 -48.02 24.26
C LEU A 150 26.61 -46.72 24.71
N GLY A 151 25.65 -46.85 25.62
CA GLY A 151 24.96 -45.69 26.13
C GLY A 151 23.89 -46.08 27.11
N CYS A 152 23.08 -45.09 27.49
CA CYS A 152 21.95 -45.30 28.39
C CYS A 152 20.69 -44.78 27.71
N LEU A 153 19.57 -45.49 27.90
CA LEU A 153 18.30 -45.13 27.31
C LEU A 153 17.33 -44.71 28.43
N VAL A 154 17.01 -43.43 28.47
CA VAL A 154 15.99 -42.91 29.38
C VAL A 154 14.67 -42.85 28.64
N LYS A 155 13.65 -43.50 29.20
CA LYS A 155 12.35 -43.60 28.56
C LYS A 155 11.24 -43.30 29.57
N ASP A 156 10.17 -42.68 29.07
CA ASP A 156 8.95 -42.48 29.84
C ASP A 156 9.21 -41.67 31.10
N TYR A 157 9.38 -40.36 30.97
CA TYR A 157 9.57 -39.49 32.12
C TYR A 157 8.75 -38.22 31.92
N PHE A 158 8.44 -37.56 33.04
CA PHE A 158 7.70 -36.32 33.00
C PHE A 158 7.91 -35.58 34.30
N PRO A 159 8.17 -34.26 34.26
CA PRO A 159 8.34 -33.53 33.00
C PRO A 159 9.82 -33.38 32.64
N GLU A 160 10.10 -32.45 31.73
CA GLU A 160 11.48 -32.14 31.37
C GLU A 160 12.11 -31.24 32.43
N PRO A 161 13.45 -31.16 32.46
CA PRO A 161 14.43 -31.95 31.72
C PRO A 161 15.11 -33.02 32.56
N VAL A 162 15.88 -33.88 31.91
CA VAL A 162 16.67 -34.90 32.57
C VAL A 162 18.15 -34.63 32.27
N THR A 163 19.00 -34.88 33.25
CA THR A 163 20.43 -34.62 33.13
C THR A 163 21.17 -35.95 33.15
N VAL A 164 21.94 -36.22 32.10
CA VAL A 164 22.70 -37.44 31.96
C VAL A 164 24.18 -37.10 31.92
N SER A 165 24.99 -37.83 32.69
CA SER A 165 26.42 -37.64 32.71
C SER A 165 27.09 -39.00 32.83
N TRP A 166 28.29 -39.11 32.25
CA TRP A 166 29.05 -40.35 32.23
C TRP A 166 30.24 -40.21 33.16
N ASN A 167 30.34 -41.10 34.15
CA ASN A 167 31.41 -41.06 35.15
C ASN A 167 31.45 -39.71 35.86
N SER A 168 30.26 -39.21 36.22
CA SER A 168 30.12 -37.95 36.96
C SER A 168 30.74 -36.77 36.20
N GLY A 169 30.59 -36.78 34.88
CA GLY A 169 31.08 -35.69 34.06
C GLY A 169 32.55 -35.73 33.73
N ALA A 170 33.27 -36.78 34.10
CA ALA A 170 34.69 -36.86 33.77
C ALA A 170 34.89 -37.17 32.29
N LEU A 171 34.58 -38.39 31.88
CA LEU A 171 34.69 -38.78 30.48
C LEU A 171 33.49 -38.23 29.73
N THR A 172 33.73 -37.22 28.89
CA THR A 172 32.67 -36.59 28.11
C THR A 172 32.93 -36.55 26.62
N SER A 173 34.11 -36.94 26.15
CA SER A 173 34.43 -36.88 24.73
C SER A 173 33.74 -38.00 23.97
N GLY A 174 33.20 -37.67 22.80
CA GLY A 174 32.48 -38.62 21.99
C GLY A 174 31.06 -38.91 22.47
N VAL A 175 30.55 -38.12 23.41
CA VAL A 175 29.19 -38.31 23.93
C VAL A 175 28.23 -37.45 23.12
N HIS A 176 27.10 -38.03 22.73
CA HIS A 176 26.05 -37.33 22.00
C HIS A 176 24.72 -37.62 22.67
N THR A 177 24.17 -36.62 23.36
CA THR A 177 22.86 -36.75 24.00
C THR A 177 21.79 -36.24 23.04
N PHE A 178 20.78 -37.10 22.75
CA PHE A 178 19.78 -36.78 21.75
C PHE A 178 18.59 -36.05 22.35
N PRO A 179 17.95 -35.17 21.57
CA PRO A 179 16.73 -34.53 22.04
C PRO A 179 15.60 -35.52 22.22
N ALA A 180 14.75 -35.25 23.22
CA ALA A 180 13.64 -36.13 23.53
C ALA A 180 12.54 -36.01 22.48
N VAL A 181 11.69 -37.04 22.41
CA VAL A 181 10.53 -37.05 21.54
C VAL A 181 9.30 -37.30 22.39
N LEU A 182 8.17 -36.73 21.96
CA LEU A 182 6.90 -36.88 22.66
C LEU A 182 6.05 -37.94 21.98
N GLN A 183 5.53 -38.88 22.76
CA GLN A 183 4.75 -39.99 22.24
C GLN A 183 3.26 -39.73 22.44
N SER A 184 2.44 -40.53 21.76
CA SER A 184 1.00 -40.39 21.85
C SER A 184 0.46 -40.66 23.25
N SER A 185 1.28 -41.17 24.16
CA SER A 185 0.86 -41.40 25.54
C SER A 185 1.16 -40.21 26.45
N GLY A 186 2.02 -39.29 26.03
CA GLY A 186 2.34 -38.11 26.81
C GLY A 186 3.70 -38.10 27.46
N LEU A 187 4.47 -39.18 27.37
CA LEU A 187 5.77 -39.26 28.02
C LEU A 187 6.90 -39.05 27.02
N TYR A 188 8.07 -38.70 27.56
CA TYR A 188 9.25 -38.38 26.77
C TYR A 188 10.23 -39.54 26.74
N SER A 189 11.17 -39.47 25.79
CA SER A 189 12.19 -40.51 25.63
C SER A 189 13.37 -39.92 24.88
N LEU A 190 14.58 -40.16 25.38
CA LEU A 190 15.81 -39.73 24.71
C LEU A 190 16.89 -40.76 24.97
N SER A 191 18.07 -40.52 24.39
CA SER A 191 19.21 -41.40 24.55
C SER A 191 20.51 -40.60 24.56
N SER A 192 21.52 -41.14 25.24
CA SER A 192 22.85 -40.55 25.31
C SER A 192 23.87 -41.64 24.99
N VAL A 193 24.60 -41.46 23.89
CA VAL A 193 25.53 -42.47 23.40
C VAL A 193 26.97 -41.99 23.60
N VAL A 194 27.91 -42.93 23.45
CA VAL A 194 29.34 -42.66 23.53
C VAL A 194 30.06 -43.83 22.87
N THR A 195 31.14 -43.54 22.15
CA THR A 195 31.88 -44.53 21.40
C THR A 195 33.20 -44.86 22.07
N VAL A 196 33.47 -46.15 22.23
CA VAL A 196 34.75 -46.61 22.79
C VAL A 196 35.15 -47.92 22.10
N PRO A 197 36.45 -48.19 22.03
CA PRO A 197 36.90 -49.51 21.57
C PRO A 197 36.32 -50.63 22.43
N SER A 198 35.84 -51.68 21.75
CA SER A 198 35.22 -52.81 22.43
C SER A 198 36.16 -53.56 23.37
N SER A 199 37.47 -53.33 23.27
CA SER A 199 38.42 -54.00 24.14
C SER A 199 38.44 -53.43 25.55
N SER A 200 37.73 -52.35 25.81
CA SER A 200 37.69 -51.69 27.11
C SER A 200 36.42 -51.99 27.89
N LEU A 201 35.79 -53.13 27.61
CA LEU A 201 34.56 -53.49 28.31
C LEU A 201 34.81 -53.62 29.81
N GLY A 202 35.66 -54.58 30.19
CA GLY A 202 35.96 -54.77 31.60
C GLY A 202 36.95 -53.78 32.17
N THR A 203 37.78 -53.19 31.31
CA THR A 203 38.75 -52.20 31.77
C THR A 203 38.09 -50.88 32.12
N GLN A 204 37.31 -50.34 31.20
CA GLN A 204 36.65 -49.04 31.40
C GLN A 204 35.20 -49.30 31.80
N THR A 205 34.81 -48.83 32.98
CA THR A 205 33.44 -48.95 33.45
C THR A 205 32.71 -47.63 33.25
N TYR A 206 31.56 -47.68 32.58
CA TYR A 206 30.76 -46.51 32.28
C TYR A 206 29.46 -46.58 33.09
N ILE A 207 29.23 -45.55 33.90
CA ILE A 207 28.01 -45.44 34.69
C ILE A 207 27.38 -44.10 34.34
N CYS A 208 26.15 -44.15 33.83
CA CYS A 208 25.40 -42.95 33.51
C CYS A 208 24.62 -42.50 34.73
N ASN A 209 24.66 -41.19 35.00
CA ASN A 209 24.06 -40.60 36.19
C ASN A 209 22.87 -39.77 35.73
N VAL A 210 21.69 -40.38 35.73
CA VAL A 210 20.47 -39.75 35.25
C VAL A 210 19.74 -39.18 36.46
N ASN A 211 19.64 -37.85 36.51
CA ASN A 211 18.96 -37.14 37.58
C ASN A 211 17.66 -36.55 37.06
N HIS A 212 16.63 -36.56 37.89
CA HIS A 212 15.31 -36.02 37.56
C HIS A 212 14.92 -35.10 38.71
N LYS A 213 15.28 -33.82 38.59
CA LYS A 213 15.03 -32.86 39.66
C LYS A 213 13.56 -32.74 40.06
N PRO A 214 12.58 -32.72 39.14
CA PRO A 214 11.19 -32.63 39.60
C PRO A 214 10.77 -33.76 40.52
N SER A 215 11.18 -34.99 40.23
CA SER A 215 10.83 -36.13 41.08
C SER A 215 11.85 -36.39 42.17
N ASN A 216 12.98 -35.68 42.17
CA ASN A 216 14.08 -35.91 43.11
C ASN A 216 14.51 -37.39 43.07
N THR A 217 14.77 -37.87 41.85
CA THR A 217 15.09 -39.28 41.62
C THR A 217 16.29 -39.36 40.71
N LYS A 218 17.40 -39.88 41.24
CA LYS A 218 18.58 -40.23 40.45
C LYS A 218 18.71 -41.75 40.41
N VAL A 219 18.97 -42.28 39.22
CA VAL A 219 19.09 -43.72 39.02
C VAL A 219 20.37 -43.97 38.24
N ASP A 220 21.33 -44.65 38.87
CA ASP A 220 22.56 -45.05 38.23
C ASP A 220 22.49 -46.52 37.85
N LYS A 221 22.72 -46.81 36.57
CA LYS A 221 22.69 -48.17 36.05
C LYS A 221 24.07 -48.44 35.45
N ARG A 222 24.83 -49.30 36.12
CA ARG A 222 26.18 -49.63 35.67
C ARG A 222 26.14 -50.41 34.37
N VAL A 223 27.04 -50.04 33.46
CA VAL A 223 27.16 -50.70 32.16
C VAL A 223 28.35 -51.65 32.28
N GLU A 224 28.04 -52.93 32.44
CA GLU A 224 28.99 -54.03 32.56
C GLU A 224 28.98 -54.85 31.27
N PRO A 225 30.05 -55.59 30.98
CA PRO A 225 30.05 -56.42 29.77
C PRO A 225 28.99 -57.51 29.87
N LYS A 226 28.10 -57.53 28.88
CA LYS A 226 27.00 -58.47 28.86
C LYS A 226 27.36 -59.72 28.06
N ASP B 1 -3.99 -12.12 7.21
CA ASP B 1 -4.22 -13.33 6.43
C ASP B 1 -3.16 -13.46 5.33
N ILE B 2 -2.04 -12.76 5.50
CA ILE B 2 -0.93 -12.82 4.56
C ILE B 2 0.03 -13.90 5.02
N GLN B 3 0.43 -14.78 4.10
CA GLN B 3 1.29 -15.90 4.41
C GLN B 3 2.69 -15.64 3.85
N MET B 4 3.70 -15.91 4.67
CA MET B 4 5.08 -15.61 4.33
C MET B 4 5.82 -16.91 4.06
N THR B 5 6.41 -17.03 2.86
CA THR B 5 7.10 -18.24 2.45
C THR B 5 8.56 -17.90 2.17
N GLN B 6 9.48 -18.46 2.95
CA GLN B 6 10.89 -18.28 2.70
C GLN B 6 11.43 -19.36 1.75
N SER B 7 12.52 -19.01 1.06
CA SER B 7 13.23 -19.87 0.13
C SER B 7 14.71 -19.48 0.21
N PRO B 8 15.64 -20.43 0.36
CA PRO B 8 15.54 -21.87 0.59
C PRO B 8 15.19 -22.26 2.02
N LEU B 9 14.57 -23.43 2.19
CA LEU B 9 14.34 -23.97 3.53
C LEU B 9 15.65 -24.15 4.27
N SER B 10 16.62 -24.82 3.64
CA SER B 10 17.93 -25.01 4.23
C SER B 10 18.99 -24.88 3.14
N LEU B 11 20.17 -24.40 3.56
CA LEU B 11 21.30 -24.14 2.67
C LEU B 11 22.55 -24.30 3.51
N SER B 12 23.47 -25.14 3.06
CA SER B 12 24.76 -25.30 3.73
C SER B 12 25.82 -24.51 3.00
N ALA B 13 26.60 -23.74 3.77
CA ALA B 13 27.54 -22.76 3.25
C ALA B 13 28.78 -22.73 4.14
N SER B 14 29.81 -22.07 3.63
CA SER B 14 31.09 -21.90 4.31
C SER B 14 31.35 -20.42 4.59
N VAL B 15 32.13 -20.17 5.64
CA VAL B 15 32.56 -18.83 5.98
C VAL B 15 33.22 -18.17 4.77
N GLY B 16 32.84 -16.92 4.53
CA GLY B 16 33.25 -16.18 3.35
C GLY B 16 32.29 -16.25 2.19
N ASP B 17 31.31 -17.15 2.21
CA ASP B 17 30.40 -17.30 1.07
C ASP B 17 29.41 -16.14 1.03
N ARG B 18 28.95 -15.83 -0.18
CA ARG B 18 27.78 -14.96 -0.35
C ARG B 18 26.51 -15.79 -0.27
N VAL B 19 25.59 -15.37 0.60
CA VAL B 19 24.37 -16.11 0.91
C VAL B 19 23.18 -15.19 0.68
N THR B 20 22.18 -15.68 -0.04
CA THR B 20 20.96 -14.91 -0.27
C THR B 20 19.75 -15.73 0.14
N ILE B 21 18.88 -15.11 0.94
CA ILE B 21 17.63 -15.73 1.39
C ILE B 21 16.46 -14.94 0.82
N THR B 22 15.47 -15.65 0.30
CA THR B 22 14.31 -15.00 -0.31
C THR B 22 13.13 -15.13 0.63
N CYS B 23 12.26 -14.12 0.64
CA CYS B 23 11.07 -14.14 1.46
C CYS B 23 9.94 -13.57 0.63
N ARG B 24 8.83 -14.30 0.51
CA ARG B 24 7.68 -13.84 -0.26
C ARG B 24 6.42 -13.72 0.56
N ALA B 25 5.62 -12.70 0.25
CA ALA B 25 4.33 -12.44 0.87
C ALA B 25 3.23 -12.82 -0.10
N THR B 26 2.05 -13.14 0.46
CA THR B 26 0.88 -13.37 -0.37
C THR B 26 0.39 -12.08 -1.01
N GLN B 27 0.05 -11.10 -0.19
CA GLN B 27 -0.39 -9.79 -0.62
C GLN B 27 0.75 -8.78 -0.53
N SER B 28 0.60 -7.67 -1.24
CA SER B 28 1.66 -6.67 -1.29
C SER B 28 1.77 -5.96 0.05
N ILE B 29 2.97 -5.91 0.59
CA ILE B 29 3.22 -5.29 1.89
C ILE B 29 4.13 -4.07 1.78
N ASN B 30 4.21 -3.46 0.59
CA ASN B 30 5.05 -2.28 0.36
C ASN B 30 6.49 -2.53 0.80
N ASN B 31 6.86 -2.03 1.98
CA ASN B 31 8.20 -2.21 2.51
C ASN B 31 8.18 -2.49 4.01
N TRP B 32 7.10 -3.07 4.52
CA TRP B 32 6.99 -3.39 5.94
C TRP B 32 7.41 -4.85 6.20
N LEU B 33 8.72 -5.05 6.13
CA LEU B 33 9.31 -6.38 6.24
C LEU B 33 10.52 -6.30 7.17
N ALA B 34 10.60 -7.22 8.13
CA ALA B 34 11.76 -7.31 9.00
C ALA B 34 12.39 -8.69 8.89
N TRP B 35 13.66 -8.75 9.29
CA TRP B 35 14.44 -9.98 9.33
C TRP B 35 15.02 -10.16 10.73
N TYR B 36 15.07 -11.40 11.21
CA TYR B 36 15.64 -11.69 12.51
C TYR B 36 16.64 -12.84 12.41
N GLN B 37 17.61 -12.82 13.32
CA GLN B 37 18.53 -13.94 13.52
C GLN B 37 18.20 -14.60 14.86
N GLN B 38 18.14 -15.93 14.87
CA GLN B 38 18.03 -16.67 16.12
C GLN B 38 19.07 -17.78 16.19
N LYS B 39 19.75 -17.88 17.32
CA LYS B 39 20.60 -19.01 17.62
C LYS B 39 19.91 -19.93 18.63
N SER B 40 20.29 -21.21 18.58
CA SER B 40 19.72 -22.21 19.47
C SER B 40 19.89 -21.80 20.93
N GLY B 41 18.78 -21.71 21.65
CA GLY B 41 18.78 -21.35 23.05
C GLY B 41 18.76 -19.86 23.34
N LYS B 42 18.71 -19.02 22.30
CA LYS B 42 18.74 -17.57 22.46
C LYS B 42 17.46 -16.96 21.96
N ALA B 43 17.16 -15.77 22.46
CA ALA B 43 16.05 -14.98 21.94
C ALA B 43 16.38 -14.57 20.51
N PRO B 44 15.37 -14.30 19.69
CA PRO B 44 15.67 -13.76 18.35
C PRO B 44 16.24 -12.35 18.49
N LYS B 45 16.98 -11.94 17.47
CA LYS B 45 17.51 -10.59 17.43
C LYS B 45 17.18 -9.93 16.09
N LEU B 46 16.74 -8.68 16.16
CA LEU B 46 16.40 -7.92 14.97
C LEU B 46 17.66 -7.66 14.15
N LEU B 47 17.57 -7.91 12.84
CA LEU B 47 18.64 -7.55 11.93
C LEU B 47 18.31 -6.32 11.10
N ILE B 48 17.12 -6.30 10.51
CA ILE B 48 16.74 -5.34 9.47
C ILE B 48 15.26 -5.02 9.68
N TYR B 49 14.91 -3.74 9.52
CA TYR B 49 13.51 -3.34 9.51
C TYR B 49 13.23 -2.41 8.33
N LYS B 50 11.95 -2.20 8.09
CA LYS B 50 11.42 -1.41 6.97
C LYS B 50 12.09 -1.82 5.66
N ALA B 51 12.27 -3.13 5.48
CA ALA B 51 12.70 -3.75 4.23
C ALA B 51 14.19 -3.54 3.96
N SER B 52 14.70 -2.35 4.29
CA SER B 52 16.05 -1.97 3.85
C SER B 52 16.84 -1.18 4.89
N ARG B 53 16.41 -1.13 6.15
CA ARG B 53 17.08 -0.37 7.19
C ARG B 53 17.76 -1.33 8.16
N LEU B 54 19.04 -1.09 8.44
CA LEU B 54 19.82 -1.98 9.28
C LEU B 54 19.63 -1.63 10.75
N GLU B 55 19.35 -2.65 11.56
CA GLU B 55 19.19 -2.44 12.99
C GLU B 55 20.53 -2.14 13.65
N SER B 56 20.52 -1.17 14.56
CA SER B 56 21.73 -0.71 15.23
C SER B 56 22.50 -1.88 15.84
N GLY B 57 23.82 -1.89 15.61
CA GLY B 57 24.67 -2.95 16.10
C GLY B 57 24.80 -4.17 15.22
N VAL B 58 23.90 -4.35 14.25
CA VAL B 58 24.04 -5.48 13.32
C VAL B 58 25.23 -5.22 12.41
N PRO B 59 26.04 -6.24 12.09
CA PRO B 59 27.22 -6.03 11.26
C PRO B 59 26.86 -5.50 9.88
N SER B 60 27.83 -4.81 9.27
CA SER B 60 27.60 -4.21 7.97
C SER B 60 27.40 -5.24 6.86
N ARG B 61 27.77 -6.50 7.09
CA ARG B 61 27.61 -7.52 6.07
C ARG B 61 26.16 -7.91 5.82
N PHE B 62 25.24 -7.53 6.70
CA PHE B 62 23.82 -7.81 6.50
C PHE B 62 23.20 -6.67 5.71
N SER B 63 22.44 -7.02 4.67
CA SER B 63 21.64 -6.03 3.96
C SER B 63 20.36 -6.69 3.46
N GLY B 64 19.45 -5.86 2.97
CA GLY B 64 18.13 -6.33 2.58
C GLY B 64 17.62 -5.51 1.41
N SER B 65 16.83 -6.15 0.56
CA SER B 65 16.35 -5.52 -0.66
C SER B 65 14.96 -6.04 -0.99
N GLY B 66 14.14 -5.17 -1.56
CA GLY B 66 12.88 -5.56 -2.15
C GLY B 66 11.74 -4.65 -1.76
N SER B 67 10.59 -4.92 -2.37
CA SER B 67 9.34 -4.20 -2.17
C SER B 67 8.24 -5.05 -2.77
N GLY B 68 7.01 -4.81 -2.32
CA GLY B 68 5.88 -5.43 -2.98
C GLY B 68 5.62 -6.83 -2.48
N THR B 69 5.99 -7.84 -3.28
CA THR B 69 5.83 -9.22 -2.88
C THR B 69 7.14 -10.01 -2.79
N GLU B 70 8.25 -9.48 -3.28
CA GLU B 70 9.52 -10.21 -3.32
C GLU B 70 10.59 -9.44 -2.56
N PHE B 71 11.30 -10.14 -1.67
CA PHE B 71 12.31 -9.53 -0.83
C PHE B 71 13.50 -10.48 -0.74
N THR B 72 14.68 -9.92 -0.43
CA THR B 72 15.86 -10.75 -0.23
C THR B 72 16.65 -10.27 1.00
N LEU B 73 17.28 -11.23 1.65
CA LEU B 73 18.34 -10.99 2.64
C LEU B 73 19.66 -11.52 2.11
N THR B 74 20.70 -10.69 2.15
CA THR B 74 22.01 -11.10 1.67
C THR B 74 23.05 -10.86 2.76
N ILE B 75 23.89 -11.87 3.00
CA ILE B 75 25.08 -11.74 3.83
C ILE B 75 26.29 -11.72 2.91
N SER B 76 26.99 -10.57 2.87
CA SER B 76 28.00 -10.38 1.83
C SER B 76 29.17 -11.34 2.00
N SER B 77 29.54 -11.67 3.24
CA SER B 77 30.67 -12.55 3.52
C SER B 77 30.39 -13.26 4.83
N LEU B 78 29.96 -14.52 4.75
CA LEU B 78 29.46 -15.21 5.92
C LEU B 78 30.56 -15.43 6.95
N GLN B 79 30.23 -15.20 8.23
CA GLN B 79 31.21 -15.30 9.31
C GLN B 79 30.80 -16.41 10.27
N PRO B 80 31.69 -16.87 11.15
CA PRO B 80 31.34 -18.01 12.02
C PRO B 80 30.15 -17.73 12.93
N ASP B 81 30.00 -16.50 13.40
CA ASP B 81 28.88 -16.14 14.26
C ASP B 81 27.54 -16.19 13.53
N ASP B 82 27.55 -16.35 12.20
CA ASP B 82 26.36 -16.20 11.39
C ASP B 82 25.64 -17.51 11.11
N PHE B 83 26.23 -18.65 11.47
CA PHE B 83 25.53 -19.92 11.32
C PHE B 83 24.38 -20.01 12.31
N ALA B 84 23.16 -20.09 11.78
CA ALA B 84 21.94 -19.87 12.54
C ALA B 84 20.72 -20.07 11.64
N THR B 85 19.53 -19.86 12.18
CA THR B 85 18.31 -19.84 11.39
C THR B 85 17.81 -18.41 11.29
N TYR B 86 17.35 -18.02 10.10
CA TYR B 86 16.87 -16.66 9.85
C TYR B 86 15.38 -16.68 9.49
N TYR B 87 14.65 -15.75 10.08
CA TYR B 87 13.22 -15.59 9.86
C TYR B 87 12.93 -14.20 9.29
N CYS B 88 12.04 -14.12 8.30
CA CYS B 88 11.44 -12.85 7.96
C CYS B 88 10.08 -12.70 8.64
N GLN B 89 9.60 -11.45 8.68
CA GLN B 89 8.35 -11.10 9.33
C GLN B 89 7.78 -9.92 8.57
N GLN B 90 6.53 -10.03 8.14
CA GLN B 90 5.80 -8.89 7.61
C GLN B 90 4.98 -8.20 8.68
N TYR B 91 4.87 -6.88 8.55
CA TYR B 91 3.99 -6.09 9.43
C TYR B 91 3.19 -5.09 8.61
N GLY B 92 2.96 -5.38 7.33
CA GLY B 92 2.10 -4.53 6.52
C GLY B 92 0.63 -4.74 6.78
N SER B 93 0.24 -5.98 7.11
CA SER B 93 -1.12 -6.28 7.53
C SER B 93 -1.02 -7.39 8.57
N SER B 94 -1.24 -7.03 9.83
CA SER B 94 -1.05 -7.92 10.98
C SER B 94 0.43 -8.30 11.07
N TRP B 95 0.73 -9.49 11.59
CA TRP B 95 2.10 -9.90 11.88
C TRP B 95 2.23 -11.40 11.59
N THR B 96 3.03 -11.75 10.59
CA THR B 96 3.19 -13.15 10.21
C THR B 96 4.66 -13.43 9.93
N PHE B 97 5.10 -14.65 10.27
CA PHE B 97 6.48 -15.05 10.13
C PHE B 97 6.63 -16.02 8.95
N GLY B 98 7.78 -15.93 8.29
CA GLY B 98 8.20 -16.97 7.38
C GLY B 98 8.47 -18.29 8.10
N GLN B 99 8.69 -19.33 7.31
CA GLN B 99 8.90 -20.66 7.86
C GLN B 99 10.33 -20.89 8.33
N GLY B 100 11.23 -19.93 8.13
CA GLY B 100 12.61 -20.13 8.53
C GLY B 100 13.55 -20.61 7.44
N THR B 101 14.79 -20.12 7.49
CA THR B 101 15.85 -20.55 6.58
C THR B 101 17.04 -20.96 7.43
N LYS B 102 17.40 -22.23 7.35
CA LYS B 102 18.57 -22.77 8.06
C LYS B 102 19.84 -22.65 7.26
N VAL B 103 20.85 -22.02 7.86
CA VAL B 103 22.19 -21.92 7.29
C VAL B 103 23.02 -23.00 7.97
N GLU B 104 23.27 -24.11 7.26
CA GLU B 104 24.05 -25.19 7.83
C GLU B 104 25.54 -24.94 7.60
N ILE B 105 26.36 -25.37 8.55
CA ILE B 105 27.81 -25.31 8.36
C ILE B 105 28.20 -26.31 7.28
N LYS B 106 28.93 -25.84 6.28
CA LYS B 106 29.46 -26.77 5.28
C LYS B 106 30.65 -27.53 5.85
N ARG B 107 30.70 -28.81 5.54
CA ARG B 107 31.88 -29.63 5.79
C ARG B 107 31.91 -30.72 4.73
N THR B 108 32.94 -31.55 4.79
CA THR B 108 33.06 -32.62 3.80
C THR B 108 32.03 -33.69 4.11
N VAL B 109 31.71 -34.52 3.12
CA VAL B 109 30.73 -35.57 3.33
C VAL B 109 31.29 -36.58 4.32
N ALA B 110 30.46 -37.00 5.28
CA ALA B 110 30.87 -37.98 6.28
C ALA B 110 29.84 -39.09 6.36
N ALA B 111 30.31 -40.32 6.21
CA ALA B 111 29.43 -41.48 6.36
C ALA B 111 29.12 -41.71 7.83
N PRO B 112 27.88 -42.11 8.16
CA PRO B 112 27.59 -42.47 9.54
C PRO B 112 28.22 -43.82 9.89
N SER B 113 28.55 -43.97 11.16
CA SER B 113 28.74 -45.29 11.76
C SER B 113 27.41 -45.78 12.32
N VAL B 114 27.07 -47.02 12.02
CA VAL B 114 25.74 -47.55 12.32
C VAL B 114 25.87 -48.61 13.40
N PHE B 115 24.95 -48.56 14.37
CA PHE B 115 24.88 -49.50 15.47
C PHE B 115 23.42 -49.85 15.73
N ILE B 116 23.15 -51.09 16.10
CA ILE B 116 21.81 -51.51 16.49
C ILE B 116 21.88 -51.97 17.94
N PHE B 117 20.86 -51.62 18.73
CA PHE B 117 20.81 -52.02 20.13
C PHE B 117 19.56 -52.82 20.44
N PRO B 118 19.67 -54.03 20.95
CA PRO B 118 18.48 -54.77 21.41
C PRO B 118 17.92 -54.12 22.67
N PRO B 119 16.64 -54.31 22.96
CA PRO B 119 16.12 -53.88 24.26
C PRO B 119 16.82 -54.60 25.39
N SER B 120 16.98 -53.90 26.52
CA SER B 120 17.74 -54.45 27.63
C SER B 120 16.87 -55.41 28.44
N ASP B 121 17.55 -56.30 29.18
CA ASP B 121 16.84 -57.18 30.09
C ASP B 121 16.05 -56.40 31.13
N GLU B 122 16.62 -55.29 31.62
CA GLU B 122 15.91 -54.48 32.61
C GLU B 122 14.63 -53.91 32.02
N GLN B 123 14.68 -53.49 30.76
CA GLN B 123 13.49 -52.97 30.10
C GLN B 123 12.48 -54.08 29.81
N LEU B 124 12.96 -55.24 29.33
CA LEU B 124 12.05 -56.30 28.95
C LEU B 124 11.20 -56.75 30.13
N LYS B 125 11.81 -56.90 31.31
CA LYS B 125 11.10 -57.32 32.51
C LYS B 125 9.91 -56.43 32.84
N SER B 126 9.74 -55.30 32.14
CA SER B 126 8.69 -54.34 32.44
C SER B 126 7.55 -54.35 31.44
N GLY B 127 7.67 -55.09 30.33
CA GLY B 127 6.58 -55.21 29.38
C GLY B 127 6.68 -54.37 28.12
N THR B 128 7.76 -53.63 27.92
CA THR B 128 7.95 -52.88 26.68
C THR B 128 9.34 -53.14 26.12
N ALA B 129 9.46 -53.11 24.79
CA ALA B 129 10.73 -53.34 24.10
C ALA B 129 10.99 -52.20 23.13
N SER B 130 12.11 -51.49 23.33
CA SER B 130 12.55 -50.43 22.43
C SER B 130 13.85 -50.86 21.76
N VAL B 131 13.87 -50.88 20.44
CA VAL B 131 15.05 -51.24 19.66
C VAL B 131 15.58 -49.98 18.97
N VAL B 132 16.88 -49.72 19.15
CA VAL B 132 17.50 -48.45 18.75
C VAL B 132 18.53 -48.70 17.68
N CYS B 133 18.52 -47.85 16.65
CA CYS B 133 19.54 -47.85 15.60
C CYS B 133 20.17 -46.46 15.61
N LEU B 134 21.50 -46.42 15.70
CA LEU B 134 22.27 -45.17 15.78
C LEU B 134 23.07 -44.90 14.52
N LEU B 135 22.97 -43.67 14.02
CA LEU B 135 23.80 -43.18 12.92
C LEU B 135 24.65 -42.03 13.47
N ASN B 136 25.96 -42.27 13.57
CA ASN B 136 26.87 -41.42 14.32
C ASN B 136 27.72 -40.59 13.37
N ASN B 137 27.71 -39.26 13.55
CA ASN B 137 28.67 -38.35 12.92
C ASN B 137 28.65 -38.48 11.40
N PHE B 138 27.57 -37.96 10.81
CA PHE B 138 27.36 -38.00 9.37
C PHE B 138 27.15 -36.59 8.82
N TYR B 139 27.18 -36.49 7.49
CA TYR B 139 26.92 -35.27 6.73
C TYR B 139 26.65 -35.64 5.28
N PRO B 140 25.67 -35.01 4.60
CA PRO B 140 24.73 -33.97 5.06
C PRO B 140 23.66 -34.48 6.02
N ARG B 141 22.69 -33.61 6.33
CA ARG B 141 21.71 -33.95 7.35
C ARG B 141 20.67 -34.92 6.83
N GLU B 142 20.43 -34.90 5.51
CA GLU B 142 19.41 -35.76 4.89
C GLU B 142 19.83 -37.21 5.04
N ALA B 143 19.01 -38.01 5.73
CA ALA B 143 19.36 -39.41 5.92
C ALA B 143 18.12 -40.26 6.07
N LYS B 144 18.22 -41.50 5.58
CA LYS B 144 17.15 -42.49 5.61
C LYS B 144 17.53 -43.58 6.58
N VAL B 145 16.64 -43.85 7.54
CA VAL B 145 16.75 -44.99 8.44
C VAL B 145 15.58 -45.92 8.17
N GLN B 146 15.86 -47.21 8.01
CA GLN B 146 14.84 -48.22 7.74
C GLN B 146 14.97 -49.38 8.70
N TRP B 147 13.85 -49.72 9.33
CA TRP B 147 13.75 -50.81 10.30
C TRP B 147 13.20 -52.06 9.64
N LYS B 148 13.88 -53.19 9.84
CA LYS B 148 13.46 -54.46 9.27
C LYS B 148 13.31 -55.47 10.40
N VAL B 149 12.11 -56.06 10.49
CA VAL B 149 11.76 -57.07 11.48
C VAL B 149 11.54 -58.38 10.74
N ASP B 150 12.38 -59.37 11.01
CA ASP B 150 12.49 -60.57 10.19
C ASP B 150 12.66 -60.21 8.71
N ASN B 151 13.49 -59.21 8.45
CA ASN B 151 13.80 -58.69 7.13
C ASN B 151 12.60 -58.08 6.44
N ALA B 152 11.61 -57.64 7.21
CA ALA B 152 10.42 -56.96 6.69
C ALA B 152 10.55 -55.47 7.05
N LEU B 153 10.70 -54.63 6.04
CA LEU B 153 10.88 -53.20 6.28
C LEU B 153 9.69 -52.61 7.02
N GLN B 154 9.98 -51.84 8.07
CA GLN B 154 8.97 -51.23 8.92
C GLN B 154 8.69 -49.79 8.47
N SER B 155 7.43 -49.37 8.63
CA SER B 155 7.05 -47.99 8.40
C SER B 155 5.95 -47.59 9.37
N GLY B 156 5.98 -46.33 9.83
CA GLY B 156 4.94 -45.79 10.66
C GLY B 156 5.08 -46.03 12.15
N ASN B 157 5.95 -46.95 12.55
CA ASN B 157 6.10 -47.33 13.96
C ASN B 157 7.46 -46.94 14.52
N SER B 158 8.08 -45.89 13.98
CA SER B 158 9.34 -45.39 14.47
C SER B 158 9.30 -43.87 14.55
N GLN B 159 10.16 -43.32 15.42
CA GLN B 159 10.35 -41.89 15.55
C GLN B 159 11.85 -41.62 15.57
N GLU B 160 12.24 -40.48 15.00
CA GLU B 160 13.65 -40.09 14.97
C GLU B 160 13.86 -38.68 15.47
N SER B 161 15.11 -38.41 15.83
CA SER B 161 15.54 -37.13 16.38
C SER B 161 16.99 -36.93 15.94
N VAL B 162 17.35 -35.69 15.60
CA VAL B 162 18.69 -35.41 15.10
C VAL B 162 19.26 -34.19 15.81
N THR B 163 20.57 -34.21 16.01
CA THR B 163 21.25 -33.13 16.72
C THR B 163 21.63 -32.03 15.73
N GLU B 164 21.88 -30.84 16.26
CA GLU B 164 22.50 -29.82 15.43
C GLU B 164 23.96 -30.18 15.14
N GLN B 165 24.52 -29.53 14.12
CA GLN B 165 25.89 -29.80 13.73
C GLN B 165 26.84 -29.58 14.89
N ASP B 166 27.70 -30.57 15.13
CA ASP B 166 28.68 -30.47 16.21
C ASP B 166 29.59 -29.28 15.99
N SER B 167 29.85 -28.54 17.07
CA SER B 167 30.60 -27.29 16.96
C SER B 167 32.09 -27.53 16.74
N LYS B 168 32.57 -28.74 17.00
CA LYS B 168 33.97 -29.09 16.75
C LYS B 168 34.19 -29.64 15.35
N ASP B 169 33.38 -30.61 14.92
CA ASP B 169 33.65 -31.31 13.66
C ASP B 169 32.53 -31.20 12.64
N SER B 170 31.47 -30.43 12.91
CA SER B 170 30.43 -30.10 11.94
C SER B 170 29.64 -31.32 11.47
N THR B 171 29.69 -32.42 12.19
CA THR B 171 28.84 -33.55 11.86
C THR B 171 27.47 -33.46 12.54
N TYR B 172 26.58 -34.35 12.13
CA TYR B 172 25.29 -34.57 12.77
C TYR B 172 25.28 -35.94 13.42
N SER B 173 24.36 -36.12 14.38
CA SER B 173 24.08 -37.44 14.90
C SER B 173 22.57 -37.62 14.94
N LEU B 174 22.12 -38.88 14.92
CA LEU B 174 20.72 -39.14 14.71
C LEU B 174 20.28 -40.37 15.50
N SER B 175 19.12 -40.26 16.14
CA SER B 175 18.54 -41.33 16.93
C SER B 175 17.26 -41.77 16.24
N SER B 176 17.06 -43.08 16.14
CA SER B 176 15.76 -43.61 15.72
C SER B 176 15.32 -44.69 16.70
N THR B 177 14.08 -44.56 17.20
CA THR B 177 13.56 -45.47 18.20
C THR B 177 12.36 -46.21 17.63
N LEU B 178 12.42 -47.54 17.65
CA LEU B 178 11.31 -48.41 17.30
C LEU B 178 10.68 -48.89 18.60
N THR B 179 9.37 -48.71 18.76
CA THR B 179 8.70 -49.11 19.98
C THR B 179 7.66 -50.18 19.67
N LEU B 180 7.83 -51.34 20.29
CA LEU B 180 6.88 -52.45 20.23
C LEU B 180 6.57 -52.92 21.64
N SER B 181 5.40 -53.52 21.81
CA SER B 181 5.12 -54.22 23.06
C SER B 181 6.11 -55.37 23.25
N LYS B 182 6.35 -55.73 24.52
CA LYS B 182 7.17 -56.90 24.84
C LYS B 182 6.69 -58.16 24.15
N ALA B 183 5.38 -58.40 24.13
CA ALA B 183 4.82 -59.56 23.46
C ALA B 183 5.23 -59.63 22.00
N ASP B 184 4.95 -58.57 21.23
CA ASP B 184 5.27 -58.58 19.81
C ASP B 184 6.76 -58.77 19.58
N TYR B 185 7.60 -58.13 20.39
CA TYR B 185 9.04 -58.34 20.29
C TYR B 185 9.44 -59.81 20.46
N GLU B 186 8.79 -60.52 21.38
CA GLU B 186 9.15 -61.91 21.65
C GLU B 186 8.64 -62.89 20.61
N LYS B 187 7.78 -62.46 19.69
CA LYS B 187 7.26 -63.33 18.64
C LYS B 187 8.22 -63.51 17.46
N HIS B 188 9.30 -62.75 17.39
CA HIS B 188 10.18 -62.72 16.23
C HIS B 188 11.64 -62.80 16.69
N LYS B 189 12.51 -63.25 15.78
CA LYS B 189 13.91 -63.51 16.11
C LYS B 189 14.89 -62.47 15.59
N VAL B 190 14.77 -62.06 14.33
CA VAL B 190 15.84 -61.33 13.66
C VAL B 190 15.42 -59.86 13.52
N TYR B 191 16.19 -58.96 14.12
CA TYR B 191 15.92 -57.53 14.05
C TYR B 191 17.09 -56.83 13.39
N ALA B 192 16.80 -56.07 12.33
CA ALA B 192 17.84 -55.48 11.48
C ALA B 192 17.44 -54.05 11.16
N CYS B 193 18.38 -53.12 11.27
CA CYS B 193 18.21 -51.80 10.68
C CYS B 193 19.20 -51.60 9.55
N GLU B 194 18.69 -51.16 8.40
CA GLU B 194 19.48 -51.00 7.19
C GLU B 194 19.48 -49.51 6.88
N VAL B 195 20.65 -48.96 6.61
CA VAL B 195 20.85 -47.53 6.50
C VAL B 195 21.35 -47.17 5.11
N THR B 196 20.64 -46.26 4.46
CA THR B 196 21.10 -45.64 3.23
C THR B 196 21.34 -44.16 3.51
N HIS B 197 22.40 -43.62 2.91
CA HIS B 197 22.87 -42.28 3.19
C HIS B 197 23.79 -41.86 2.05
N GLN B 198 23.94 -40.55 1.87
CA GLN B 198 24.77 -40.08 0.77
C GLN B 198 26.25 -40.33 1.03
N GLY B 199 26.65 -40.50 2.29
CA GLY B 199 28.02 -40.85 2.58
C GLY B 199 28.33 -42.33 2.43
N LEU B 200 27.32 -43.16 2.19
CA LEU B 200 27.48 -44.60 2.06
C LEU B 200 27.32 -45.00 0.61
N SER B 201 28.32 -45.73 0.07
CA SER B 201 28.25 -46.17 -1.32
C SER B 201 27.04 -47.05 -1.58
N SER B 202 26.74 -47.95 -0.66
CA SER B 202 25.60 -48.84 -0.73
C SER B 202 25.00 -48.96 0.66
N PRO B 203 23.74 -49.38 0.78
CA PRO B 203 23.15 -49.54 2.12
C PRO B 203 23.98 -50.46 2.99
N VAL B 204 24.08 -50.09 4.26
CA VAL B 204 24.75 -50.88 5.30
C VAL B 204 23.70 -51.63 6.09
N THR B 205 23.86 -52.95 6.21
CA THR B 205 22.96 -53.74 7.04
C THR B 205 23.73 -54.23 8.26
N LYS B 206 23.15 -53.97 9.44
CA LYS B 206 23.63 -54.45 10.73
C LYS B 206 22.51 -55.22 11.42
N SER B 207 22.83 -56.33 12.06
CA SER B 207 21.85 -57.39 12.26
C SER B 207 22.23 -58.18 13.50
N PHE B 208 21.20 -58.70 14.19
CA PHE B 208 21.38 -59.65 15.27
C PHE B 208 20.27 -60.70 15.28
N ASN B 209 20.57 -61.81 15.95
CA ASN B 209 19.62 -62.81 16.40
C ASN B 209 19.51 -62.76 17.93
N ARG B 210 18.28 -62.77 18.44
CA ARG B 210 18.03 -62.51 19.86
C ARG B 210 18.55 -63.63 20.75
N GLY B 211 19.87 -63.78 20.83
CA GLY B 211 20.48 -64.82 21.62
C GLY B 211 21.95 -64.97 21.31
N GLN C 1 -25.86 19.94 8.71
CA GLN C 1 -25.61 20.84 7.60
C GLN C 1 -24.26 21.55 7.77
N VAL C 2 -23.25 21.04 7.08
CA VAL C 2 -21.89 21.58 7.12
C VAL C 2 -21.71 22.54 5.95
N GLN C 3 -21.08 23.68 6.21
CA GLN C 3 -20.97 24.70 5.18
C GLN C 3 -19.70 25.51 5.37
N LEU C 4 -19.11 25.91 4.24
CA LEU C 4 -17.90 26.72 4.19
C LEU C 4 -18.15 27.94 3.31
N LEU C 5 -17.70 29.10 3.76
CA LEU C 5 -17.96 30.36 3.08
C LEU C 5 -16.66 31.08 2.78
N GLU C 6 -16.34 31.24 1.50
CA GLU C 6 -15.14 31.95 1.09
C GLU C 6 -15.40 33.46 1.01
N SER C 7 -14.31 34.22 0.90
CA SER C 7 -14.32 35.67 0.77
C SER C 7 -12.90 36.15 0.54
N GLY C 8 -12.76 37.28 -0.17
CA GLY C 8 -11.49 37.95 -0.33
C GLY C 8 -10.96 37.98 -1.74
N GLY C 9 -11.49 37.18 -2.65
CA GLY C 9 -11.00 37.17 -4.01
C GLY C 9 -11.26 38.48 -4.73
N GLY C 10 -10.52 38.70 -5.80
CA GLY C 10 -10.69 39.92 -6.56
C GLY C 10 -9.70 40.11 -7.69
N MET C 11 -9.25 41.35 -7.89
CA MET C 11 -8.43 41.72 -9.03
C MET C 11 -7.18 42.43 -8.56
N VAL C 12 -6.02 41.97 -9.03
CA VAL C 12 -4.73 42.59 -8.73
C VAL C 12 -3.84 42.48 -9.95
N GLN C 13 -2.82 43.34 -9.98
CA GLN C 13 -1.82 43.31 -11.02
C GLN C 13 -0.74 42.29 -10.68
N PRO C 14 -0.02 41.78 -11.68
CA PRO C 14 1.05 40.82 -11.39
C PRO C 14 2.09 41.41 -10.45
N GLY C 15 2.45 40.64 -9.42
CA GLY C 15 3.35 41.09 -8.38
C GLY C 15 2.65 41.50 -7.10
N GLY C 16 1.38 41.88 -7.18
CA GLY C 16 0.63 42.24 -6.00
C GLY C 16 0.33 41.04 -5.12
N SER C 17 -0.38 41.32 -4.03
CA SER C 17 -0.70 40.28 -3.05
C SER C 17 -2.20 40.30 -2.75
N LEU C 18 -2.71 39.15 -2.32
CA LEU C 18 -4.12 39.00 -2.00
C LEU C 18 -4.29 38.02 -0.85
N ARG C 19 -5.41 38.14 -0.16
CA ARG C 19 -5.72 37.28 0.98
C ARG C 19 -7.12 36.71 0.82
N LEU C 20 -7.23 35.40 0.96
CA LEU C 20 -8.51 34.70 0.93
C LEU C 20 -8.91 34.30 2.35
N SER C 21 -10.20 33.99 2.50
CA SER C 21 -10.72 33.52 3.78
C SER C 21 -11.74 32.42 3.52
N CYS C 22 -12.09 31.70 4.59
CA CYS C 22 -13.04 30.60 4.49
C CYS C 22 -13.55 30.30 5.90
N THR C 23 -14.80 30.62 6.16
CA THR C 23 -15.41 30.41 7.47
C THR C 23 -16.15 29.07 7.46
N ALA C 24 -15.82 28.22 8.42
CA ALA C 24 -16.37 26.88 8.51
C ALA C 24 -17.32 26.77 9.71
N SER C 25 -18.33 25.93 9.57
CA SER C 25 -19.33 25.75 10.61
C SER C 25 -20.04 24.42 10.42
N GLY C 26 -20.45 23.83 11.53
CA GLY C 26 -21.18 22.58 11.53
C GLY C 26 -20.42 21.38 12.05
N PHE C 27 -19.09 21.42 12.07
CA PHE C 27 -18.29 20.30 12.52
C PHE C 27 -17.27 20.77 13.55
N SER C 28 -16.28 19.91 13.81
CA SER C 28 -15.21 20.16 14.77
C SER C 28 -13.98 20.60 13.99
N PHE C 29 -13.85 21.92 13.82
CA PHE C 29 -12.76 22.49 13.03
C PHE C 29 -11.39 21.98 13.47
N SER C 30 -11.17 21.88 14.78
CA SER C 30 -9.86 21.49 15.30
C SER C 30 -9.45 20.10 14.81
N ASN C 31 -10.42 19.19 14.68
CA ASN C 31 -10.10 17.82 14.32
C ASN C 31 -9.67 17.72 12.87
N TYR C 32 -10.49 18.23 11.95
CA TYR C 32 -10.26 18.05 10.53
C TYR C 32 -9.24 19.06 10.01
N GLY C 33 -8.42 18.61 9.05
CA GLY C 33 -7.49 19.50 8.38
C GLY C 33 -8.12 20.15 7.16
N MET C 34 -7.57 21.30 6.78
CA MET C 34 -8.11 22.09 5.68
C MET C 34 -7.14 22.08 4.50
N SER C 35 -7.57 22.71 3.42
CA SER C 35 -6.80 22.75 2.18
C SER C 35 -7.44 23.76 1.25
N TRP C 36 -6.68 24.17 0.23
CA TRP C 36 -7.16 25.11 -0.79
C TRP C 36 -6.95 24.49 -2.17
N VAL C 37 -8.03 24.35 -2.92
CA VAL C 37 -7.99 23.79 -4.26
C VAL C 37 -8.41 24.88 -5.24
N ARG C 38 -7.65 25.02 -6.32
CA ARG C 38 -7.92 26.01 -7.36
C ARG C 38 -8.15 25.32 -8.69
N GLN C 39 -8.80 26.04 -9.59
CA GLN C 39 -9.05 25.54 -10.94
C GLN C 39 -8.90 26.69 -11.92
N ALA C 40 -7.93 26.60 -12.82
CA ALA C 40 -7.74 27.62 -13.83
C ALA C 40 -8.80 27.48 -14.90
N PRO C 41 -9.37 28.60 -15.38
CA PRO C 41 -10.40 28.52 -16.42
C PRO C 41 -9.95 27.74 -17.64
N GLY C 42 -10.62 26.61 -17.89
CA GLY C 42 -10.29 25.76 -19.01
C GLY C 42 -9.49 24.52 -18.66
N LYS C 43 -9.16 24.31 -17.38
CA LYS C 43 -8.41 23.16 -16.94
C LYS C 43 -9.09 22.51 -15.75
N GLY C 44 -8.48 21.43 -15.26
CA GLY C 44 -8.99 20.70 -14.11
C GLY C 44 -8.48 21.27 -12.80
N PRO C 45 -9.17 20.94 -11.70
CA PRO C 45 -8.73 21.44 -10.39
C PRO C 45 -7.37 20.88 -10.01
N GLU C 46 -6.66 21.63 -9.19
CA GLU C 46 -5.35 21.23 -8.69
C GLU C 46 -5.25 21.62 -7.22
N TRP C 47 -4.59 20.77 -6.44
CA TRP C 47 -4.37 21.11 -5.04
C TRP C 47 -3.28 22.17 -4.92
N VAL C 48 -3.51 23.13 -4.04
CA VAL C 48 -2.62 24.28 -3.85
C VAL C 48 -1.93 24.24 -2.49
N SER C 49 -2.71 24.32 -1.41
CA SER C 49 -2.17 24.40 -0.07
C SER C 49 -2.92 23.44 0.85
N GLY C 50 -2.36 23.23 2.04
CA GLY C 50 -2.95 22.34 3.01
C GLY C 50 -2.39 22.58 4.40
N ILE C 51 -3.23 22.46 5.42
CA ILE C 51 -2.84 22.71 6.80
C ILE C 51 -3.46 21.63 7.67
N SER C 52 -2.79 21.33 8.78
CA SER C 52 -3.31 20.36 9.73
C SER C 52 -4.37 20.99 10.62
N GLY C 53 -5.07 20.14 11.38
CA GLY C 53 -6.14 20.60 12.22
C GLY C 53 -5.68 21.33 13.46
N SER C 54 -4.68 20.77 14.14
CA SER C 54 -4.20 21.32 15.40
C SER C 54 -2.70 21.54 15.41
N SER C 55 -1.92 20.61 14.84
CA SER C 55 -0.47 20.72 14.92
C SER C 55 0.04 21.96 14.21
N GLY C 56 -0.50 22.26 13.03
CA GLY C 56 -0.07 23.40 12.26
C GLY C 56 0.86 23.11 11.11
N ASP C 57 1.07 21.84 10.77
CA ASP C 57 1.92 21.49 9.65
C ASP C 57 1.25 21.88 8.34
N THR C 58 2.01 22.52 7.45
CA THR C 58 1.49 23.03 6.20
C THR C 58 2.28 22.46 5.03
N TYR C 59 1.57 22.26 3.92
CA TYR C 59 2.16 21.74 2.69
C TYR C 59 1.70 22.60 1.53
N TYR C 60 2.59 22.79 0.54
CA TYR C 60 2.28 23.58 -0.62
C TYR C 60 2.72 22.85 -1.88
N ALA C 61 2.11 23.21 -3.00
CA ALA C 61 2.57 22.69 -4.28
C ALA C 61 3.88 23.36 -4.65
N ASP C 62 4.62 22.73 -5.57
CA ASP C 62 5.90 23.29 -6.00
C ASP C 62 5.70 24.65 -6.67
N SER C 63 4.62 24.81 -7.42
CA SER C 63 4.39 26.01 -8.19
C SER C 63 4.00 27.22 -7.35
N VAL C 64 3.67 27.03 -6.07
CA VAL C 64 3.25 28.14 -5.21
C VAL C 64 4.08 28.24 -3.95
N LYS C 65 5.08 27.39 -3.76
CA LYS C 65 5.87 27.42 -2.53
C LYS C 65 6.65 28.73 -2.44
N GLY C 66 6.60 29.36 -1.26
CA GLY C 66 7.26 30.62 -1.05
C GLY C 66 6.39 31.85 -1.28
N ARG C 67 5.35 31.72 -2.10
CA ARG C 67 4.45 32.84 -2.36
C ARG C 67 3.26 32.84 -1.41
N PHE C 68 2.59 31.69 -1.29
CA PHE C 68 1.40 31.57 -0.49
C PHE C 68 1.75 31.25 0.96
N THR C 69 0.80 31.55 1.86
CA THR C 69 0.95 31.26 3.27
C THR C 69 -0.43 30.91 3.83
N ILE C 70 -0.59 29.68 4.28
CA ILE C 70 -1.87 29.20 4.80
C ILE C 70 -1.80 29.15 6.32
N SER C 71 -2.89 29.58 6.95
CA SER C 71 -3.00 29.58 8.40
C SER C 71 -4.45 29.38 8.78
N ARG C 72 -4.68 29.14 10.07
CA ARG C 72 -6.03 28.93 10.56
C ARG C 72 -6.14 29.43 12.00
N ASP C 73 -7.36 29.76 12.39
CA ASP C 73 -7.67 30.24 13.74
C ASP C 73 -8.84 29.42 14.27
N ASN C 74 -8.53 28.30 14.93
CA ASN C 74 -9.58 27.43 15.45
C ASN C 74 -10.46 28.16 16.46
N SER C 75 -9.91 29.14 17.17
CA SER C 75 -10.70 29.90 18.12
C SER C 75 -11.82 30.67 17.43
N LYS C 76 -11.57 31.15 16.20
CA LYS C 76 -12.59 31.85 15.44
C LYS C 76 -13.14 31.01 14.28
N ASN C 77 -12.69 29.76 14.13
CA ASN C 77 -13.19 28.84 13.11
C ASN C 77 -13.03 29.42 11.71
N THR C 78 -11.80 29.77 11.37
CA THR C 78 -11.49 30.37 10.08
C THR C 78 -10.17 29.81 9.58
N VAL C 79 -10.08 29.64 8.26
CA VAL C 79 -8.84 29.31 7.57
C VAL C 79 -8.60 30.38 6.52
N ASN C 80 -7.36 30.88 6.46
CA ASN C 80 -7.01 32.02 5.63
C ASN C 80 -5.85 31.67 4.73
N LEU C 81 -5.88 32.17 3.49
CA LEU C 81 -4.81 31.96 2.53
C LEU C 81 -4.29 33.31 2.08
N GLN C 82 -3.01 33.58 2.34
CA GLN C 82 -2.35 34.81 1.91
C GLN C 82 -1.57 34.52 0.65
N MET C 83 -1.79 35.33 -0.39
CA MET C 83 -1.27 35.07 -1.72
C MET C 83 -0.35 36.23 -2.11
N ASN C 84 0.94 36.10 -1.79
CA ASN C 84 1.93 37.13 -2.06
C ASN C 84 2.64 36.86 -3.38
N SER C 85 3.14 37.94 -3.99
CA SER C 85 3.86 37.87 -5.26
C SER C 85 3.03 37.11 -6.31
N LEU C 86 1.80 37.57 -6.50
CA LEU C 86 0.86 36.89 -7.38
C LEU C 86 1.34 36.97 -8.83
N ARG C 87 1.02 35.92 -9.58
CA ARG C 87 1.46 35.79 -10.96
C ARG C 87 0.25 35.59 -11.87
N ALA C 88 0.49 35.68 -13.18
CA ALA C 88 -0.58 35.53 -14.15
C ALA C 88 -1.18 34.13 -14.11
N GLU C 89 -0.34 33.10 -14.01
CA GLU C 89 -0.81 31.72 -13.98
C GLU C 89 -1.61 31.39 -12.73
N ASP C 90 -1.56 32.25 -11.72
CA ASP C 90 -2.34 32.04 -10.50
C ASP C 90 -3.81 32.44 -10.67
N THR C 91 -4.17 33.05 -11.80
CA THR C 91 -5.57 33.40 -12.04
C THR C 91 -6.39 32.12 -12.16
N ALA C 92 -7.30 31.91 -11.21
CA ALA C 92 -8.11 30.70 -11.17
C ALA C 92 -9.29 30.93 -10.24
N VAL C 93 -10.07 29.87 -10.02
CA VAL C 93 -11.18 29.88 -9.07
C VAL C 93 -10.75 29.06 -7.87
N TYR C 94 -10.71 29.68 -6.70
CA TYR C 94 -10.12 29.09 -5.51
C TYR C 94 -11.21 28.60 -4.56
N TYR C 95 -11.10 27.35 -4.14
CA TYR C 95 -12.01 26.74 -3.18
C TYR C 95 -11.26 26.43 -1.89
N CYS C 96 -12.02 26.28 -0.81
CA CYS C 96 -11.49 25.73 0.43
C CYS C 96 -12.15 24.40 0.69
N ALA C 97 -11.35 23.39 0.98
CA ALA C 97 -11.85 22.05 1.18
C ALA C 97 -11.67 21.64 2.62
N LYS C 98 -12.31 20.52 2.94
CA LYS C 98 -12.32 19.94 4.27
C LYS C 98 -11.83 18.51 4.16
N GLU C 99 -11.01 18.10 5.12
CA GLU C 99 -10.52 16.73 5.13
C GLU C 99 -11.67 15.76 5.34
N GLY C 100 -11.68 14.70 4.56
CA GLY C 100 -12.70 13.69 4.67
C GLY C 100 -12.32 12.58 5.61
N GLY C 101 -13.35 11.93 6.14
CA GLY C 101 -13.13 10.87 7.11
C GLY C 101 -12.51 11.40 8.38
N PHE C 102 -11.29 10.96 8.65
CA PHE C 102 -10.56 11.37 9.85
C PHE C 102 -9.08 11.09 9.64
N CYS C 103 -8.29 11.47 10.64
CA CYS C 103 -6.87 11.17 10.67
C CYS C 103 -6.45 10.71 12.06
N SER C 104 -5.74 9.60 12.13
CA SER C 104 -5.33 9.07 13.42
C SER C 104 -4.18 9.85 14.04
N SER C 105 -3.32 10.46 13.20
CA SER C 105 -2.23 11.26 13.72
C SER C 105 -2.66 12.72 13.86
N ALA C 106 -1.75 13.64 13.58
CA ALA C 106 -2.01 15.07 13.65
C ALA C 106 -2.17 15.70 12.27
N THR C 107 -1.26 15.40 11.35
CA THR C 107 -1.34 15.88 9.98
C THR C 107 -1.13 14.71 9.03
N CYS C 108 -2.00 14.62 8.01
CA CYS C 108 -1.89 13.54 7.05
C CYS C 108 -2.66 13.91 5.79
N TYR C 109 -2.50 13.08 4.76
CA TYR C 109 -3.19 13.26 3.48
C TYR C 109 -4.62 12.73 3.56
N TYR C 110 -5.47 13.26 2.69
CA TYR C 110 -6.91 12.99 2.78
C TYR C 110 -7.58 13.32 1.47
N TYR C 111 -8.88 13.01 1.41
CA TYR C 111 -9.77 13.43 0.34
C TYR C 111 -10.68 14.55 0.84
N PHE C 112 -11.21 15.31 -0.10
CA PHE C 112 -12.04 16.48 0.21
C PHE C 112 -13.51 16.11 0.07
N ASP C 113 -14.27 16.26 1.16
CA ASP C 113 -15.69 15.95 1.16
C ASP C 113 -16.58 17.18 1.01
N CYS C 114 -16.22 18.30 1.63
CA CYS C 114 -17.02 19.52 1.55
C CYS C 114 -16.21 20.63 0.92
N TRP C 115 -16.86 21.41 0.05
CA TRP C 115 -16.24 22.51 -0.66
C TRP C 115 -16.97 23.81 -0.35
N GLY C 116 -16.30 24.92 -0.64
CA GLY C 116 -16.92 26.22 -0.57
C GLY C 116 -17.55 26.62 -1.89
N GLN C 117 -18.20 27.78 -1.89
CA GLN C 117 -18.86 28.25 -3.10
C GLN C 117 -17.85 28.49 -4.22
N GLY C 118 -16.70 29.07 -3.88
CA GLY C 118 -15.68 29.36 -4.86
C GLY C 118 -15.53 30.86 -5.09
N THR C 119 -14.31 31.36 -4.96
CA THR C 119 -14.03 32.77 -5.14
C THR C 119 -13.06 32.95 -6.31
N LEU C 120 -13.15 34.10 -6.96
CA LEU C 120 -12.42 34.35 -8.20
C LEU C 120 -11.26 35.29 -7.94
N VAL C 121 -10.08 34.91 -8.40
CA VAL C 121 -8.87 35.70 -8.26
C VAL C 121 -8.29 35.93 -9.66
N THR C 122 -8.24 37.19 -10.07
CA THR C 122 -7.77 37.55 -11.40
C THR C 122 -6.48 38.36 -11.29
N VAL C 123 -5.49 38.00 -12.10
CA VAL C 123 -4.17 38.63 -12.06
C VAL C 123 -3.77 39.00 -13.49
N SER C 124 -3.73 40.30 -13.78
CA SER C 124 -3.28 40.77 -15.08
C SER C 124 -2.97 42.26 -15.00
N SER C 125 -1.95 42.68 -15.75
CA SER C 125 -1.66 44.10 -15.95
C SER C 125 -2.67 44.62 -16.97
N ALA C 126 -3.81 45.09 -16.47
CA ALA C 126 -4.97 45.29 -17.33
C ALA C 126 -5.77 46.48 -16.79
N SER C 127 -5.50 47.66 -17.35
CA SER C 127 -6.36 48.81 -17.13
C SER C 127 -7.73 48.49 -17.70
N THR C 128 -8.72 48.30 -16.84
CA THR C 128 -10.03 47.83 -17.27
C THR C 128 -10.61 48.73 -18.35
N LYS C 129 -10.91 48.13 -19.50
CA LYS C 129 -11.35 48.83 -20.69
C LYS C 129 -12.66 48.23 -21.15
N GLY C 130 -13.54 49.09 -21.67
CA GLY C 130 -14.80 48.62 -22.19
C GLY C 130 -14.62 47.98 -23.55
N PRO C 131 -15.59 47.19 -23.96
CA PRO C 131 -15.49 46.48 -25.23
C PRO C 131 -15.84 47.37 -26.42
N SER C 132 -15.17 47.11 -27.53
CA SER C 132 -15.43 47.78 -28.79
C SER C 132 -16.11 46.77 -29.71
N VAL C 133 -17.36 47.04 -30.06
CA VAL C 133 -18.18 46.09 -30.80
C VAL C 133 -18.06 46.36 -32.29
N PHE C 134 -17.91 45.30 -33.08
CA PHE C 134 -17.69 45.40 -34.51
C PHE C 134 -18.71 44.53 -35.24
N PRO C 135 -19.33 45.04 -36.30
CA PRO C 135 -20.37 44.27 -37.00
C PRO C 135 -19.80 43.16 -37.87
N LEU C 136 -20.54 42.07 -37.92
CA LEU C 136 -20.23 40.93 -38.78
C LEU C 136 -21.39 40.75 -39.75
N ALA C 137 -21.17 41.10 -41.02
CA ALA C 137 -22.26 41.13 -41.98
C ALA C 137 -22.35 39.82 -42.75
N PRO C 138 -23.57 39.38 -43.06
CA PRO C 138 -23.74 38.15 -43.86
C PRO C 138 -23.94 38.43 -45.35
N SER C 139 -23.64 37.45 -46.19
CA SER C 139 -23.78 37.56 -47.64
C SER C 139 -24.66 36.41 -48.12
N SER C 140 -25.98 36.58 -47.98
CA SER C 140 -26.92 35.55 -48.40
C SER C 140 -27.11 35.57 -49.92
N GLY C 146 -30.94 29.65 -48.00
CA GLY C 146 -32.14 29.67 -47.19
C GLY C 146 -31.97 30.44 -45.90
N THR C 147 -30.93 30.10 -45.14
CA THR C 147 -30.61 30.75 -43.88
C THR C 147 -29.17 31.23 -43.89
N ALA C 148 -28.94 32.39 -43.30
CA ALA C 148 -27.60 32.97 -43.23
C ALA C 148 -27.41 33.61 -41.87
N ALA C 149 -26.19 33.56 -41.35
CA ALA C 149 -25.88 33.98 -40.00
C ALA C 149 -25.10 35.29 -39.98
N LEU C 150 -25.44 36.14 -39.01
CA LEU C 150 -24.73 37.37 -38.71
C LEU C 150 -24.29 37.32 -37.26
N GLY C 151 -23.64 38.38 -36.80
CA GLY C 151 -23.21 38.42 -35.42
C GLY C 151 -22.46 39.69 -35.09
N CYS C 152 -21.94 39.73 -33.87
CA CYS C 152 -21.15 40.85 -33.37
C CYS C 152 -19.82 40.35 -32.83
N LEU C 153 -18.76 41.11 -33.07
CA LEU C 153 -17.43 40.81 -32.58
C LEU C 153 -17.07 41.86 -31.54
N VAL C 154 -17.03 41.44 -30.27
CA VAL C 154 -16.56 42.30 -29.19
C VAL C 154 -15.09 42.01 -28.96
N LYS C 155 -14.27 43.06 -28.94
CA LYS C 155 -12.83 42.90 -28.84
C LYS C 155 -12.28 43.84 -27.77
N ASP C 156 -11.22 43.36 -27.10
CA ASP C 156 -10.43 44.16 -26.18
C ASP C 156 -11.25 44.74 -25.03
N TYR C 157 -11.59 43.92 -24.05
CA TYR C 157 -12.29 44.38 -22.86
C TYR C 157 -11.68 43.69 -21.63
N PHE C 158 -11.87 44.31 -20.47
CA PHE C 158 -11.37 43.76 -19.22
C PHE C 158 -12.13 44.40 -18.07
N PRO C 159 -12.54 43.63 -17.06
CA PRO C 159 -12.40 42.18 -17.00
C PRO C 159 -13.64 41.44 -17.45
N GLU C 160 -13.71 40.16 -17.09
CA GLU C 160 -14.89 39.34 -17.35
C GLU C 160 -15.96 39.64 -16.31
N PRO C 161 -17.23 39.29 -16.59
CA PRO C 161 -17.76 38.82 -17.88
C PRO C 161 -18.53 39.91 -18.61
N VAL C 162 -18.88 39.65 -19.87
CA VAL C 162 -19.66 40.57 -20.69
C VAL C 162 -20.96 39.89 -21.08
N THR C 163 -22.05 40.67 -21.14
CA THR C 163 -23.37 40.17 -21.45
C THR C 163 -23.83 40.72 -22.80
N VAL C 164 -24.18 39.83 -23.72
CA VAL C 164 -24.60 40.19 -25.07
C VAL C 164 -26.04 39.74 -25.26
N SER C 165 -26.85 40.62 -25.86
CA SER C 165 -28.24 40.32 -26.17
C SER C 165 -28.59 40.95 -27.51
N TRP C 166 -29.51 40.31 -28.23
CA TRP C 166 -29.94 40.73 -29.56
C TRP C 166 -31.34 41.31 -29.50
N ASN C 167 -31.49 42.55 -29.97
CA ASN C 167 -32.77 43.26 -29.97
C ASN C 167 -33.37 43.34 -28.57
N SER C 168 -32.51 43.69 -27.60
CA SER C 168 -32.94 43.88 -26.21
C SER C 168 -33.58 42.62 -25.63
N GLY C 169 -33.00 41.47 -25.93
CA GLY C 169 -33.51 40.21 -25.42
C GLY C 169 -34.67 39.63 -26.18
N ALA C 170 -35.04 40.21 -27.32
CA ALA C 170 -36.10 39.68 -28.15
C ALA C 170 -35.64 38.41 -28.85
N LEU C 171 -34.69 38.57 -29.79
CA LEU C 171 -34.16 37.44 -30.53
C LEU C 171 -33.22 36.64 -29.65
N THR C 172 -33.63 35.44 -29.25
CA THR C 172 -32.80 34.56 -28.46
C THR C 172 -32.63 33.17 -29.05
N SER C 173 -33.42 32.80 -30.06
CA SER C 173 -33.31 31.48 -30.67
C SER C 173 -32.17 31.45 -31.67
N GLY C 174 -31.40 30.38 -31.65
CA GLY C 174 -30.31 30.22 -32.59
C GLY C 174 -29.08 31.05 -32.30
N VAL C 175 -28.99 31.65 -31.12
CA VAL C 175 -27.83 32.47 -30.77
C VAL C 175 -26.79 31.60 -30.09
N HIS C 176 -25.54 31.79 -30.47
CA HIS C 176 -24.41 31.08 -29.88
C HIS C 176 -23.36 32.11 -29.48
N THR C 177 -23.26 32.38 -28.18
CA THR C 177 -22.24 33.26 -27.63
C THR C 177 -21.06 32.42 -27.18
N PHE C 178 -19.88 32.74 -27.69
CA PHE C 178 -18.74 31.89 -27.40
C PHE C 178 -18.03 32.34 -26.12
N PRO C 179 -17.40 31.41 -25.41
CA PRO C 179 -16.61 31.79 -24.23
C PRO C 179 -15.45 32.69 -24.63
N ALA C 180 -15.10 33.59 -23.72
CA ALA C 180 -14.06 34.58 -24.01
C ALA C 180 -12.69 33.90 -24.10
N VAL C 181 -11.77 34.58 -24.77
CA VAL C 181 -10.39 34.14 -24.89
C VAL C 181 -9.48 35.23 -24.36
N LEU C 182 -8.33 34.82 -23.83
CA LEU C 182 -7.33 35.75 -23.32
C LEU C 182 -6.30 36.00 -24.40
N GLN C 183 -6.05 37.28 -24.70
CA GLN C 183 -5.21 37.66 -25.80
C GLN C 183 -3.81 38.05 -25.33
N SER C 184 -2.88 38.12 -26.28
CA SER C 184 -1.50 38.45 -25.98
C SER C 184 -1.32 39.85 -25.43
N SER C 185 -2.36 40.69 -25.46
CA SER C 185 -2.30 42.01 -24.88
C SER C 185 -2.82 42.05 -23.45
N GLY C 186 -3.53 41.02 -23.02
CA GLY C 186 -4.08 40.94 -21.68
C GLY C 186 -5.57 41.17 -21.63
N LEU C 187 -6.20 41.51 -22.75
CA LEU C 187 -7.62 41.80 -22.82
C LEU C 187 -8.37 40.63 -23.43
N TYR C 188 -9.68 40.60 -23.20
CA TYR C 188 -10.52 39.50 -23.67
C TYR C 188 -11.25 39.90 -24.94
N SER C 189 -11.72 38.88 -25.66
CA SER C 189 -12.43 39.08 -26.91
C SER C 189 -13.24 37.83 -27.21
N LEU C 190 -14.50 38.02 -27.59
CA LEU C 190 -15.35 36.91 -27.99
C LEU C 190 -16.27 37.40 -29.10
N SER C 191 -17.12 36.50 -29.58
CA SER C 191 -18.08 36.84 -30.62
C SER C 191 -19.36 36.05 -30.38
N SER C 192 -20.48 36.63 -30.80
CA SER C 192 -21.78 35.99 -30.65
C SER C 192 -22.50 36.04 -31.99
N VAL C 193 -22.78 34.88 -32.56
CA VAL C 193 -23.42 34.77 -33.85
C VAL C 193 -24.84 34.28 -33.64
N VAL C 194 -25.65 34.39 -34.68
CA VAL C 194 -27.04 33.95 -34.62
C VAL C 194 -27.54 33.77 -36.05
N THR C 195 -28.36 32.74 -36.25
CA THR C 195 -28.88 32.38 -37.56
C THR C 195 -30.34 32.78 -37.64
N VAL C 196 -30.72 33.41 -38.75
CA VAL C 196 -32.10 33.79 -39.02
C VAL C 196 -32.41 33.51 -40.48
N PRO C 197 -33.69 33.35 -40.82
CA PRO C 197 -34.05 33.18 -42.23
C PRO C 197 -33.50 34.31 -43.09
N SER C 198 -32.91 33.94 -44.22
CA SER C 198 -32.32 34.92 -45.11
C SER C 198 -33.35 35.90 -45.66
N SER C 199 -34.64 35.56 -45.56
CA SER C 199 -35.70 36.43 -46.02
C SER C 199 -35.99 37.59 -45.07
N SER C 200 -35.38 37.61 -43.88
CA SER C 200 -35.62 38.66 -42.91
C SER C 200 -34.47 39.65 -42.81
N LEU C 201 -33.63 39.74 -43.85
CA LEU C 201 -32.51 40.67 -43.83
C LEU C 201 -33.01 42.12 -43.81
N GLY C 202 -33.74 42.53 -44.84
CA GLY C 202 -34.21 43.90 -44.94
C GLY C 202 -35.41 44.23 -44.09
N THR C 203 -36.19 43.24 -43.69
CA THR C 203 -37.37 43.51 -42.87
C THR C 203 -36.97 43.81 -41.42
N GLN C 204 -36.20 42.91 -40.81
CA GLN C 204 -35.82 43.02 -39.41
C GLN C 204 -34.39 43.55 -39.27
N THR C 205 -34.23 44.61 -38.48
CA THR C 205 -32.91 45.16 -38.19
C THR C 205 -32.39 44.56 -36.90
N TYR C 206 -31.17 44.04 -36.95
CA TYR C 206 -30.59 43.29 -35.85
C TYR C 206 -29.52 44.13 -35.16
N ILE C 207 -29.70 44.37 -33.86
CA ILE C 207 -28.76 45.13 -33.04
C ILE C 207 -28.36 44.27 -31.85
N CYS C 208 -27.06 44.06 -31.69
CA CYS C 208 -26.54 43.37 -30.51
C CYS C 208 -26.32 44.39 -29.39
N ASN C 209 -26.77 44.03 -28.19
CA ASN C 209 -26.74 44.93 -27.04
C ASN C 209 -25.72 44.40 -26.03
N VAL C 210 -24.50 44.91 -26.12
CA VAL C 210 -23.38 44.44 -25.31
C VAL C 210 -23.23 45.33 -24.09
N ASN C 211 -23.43 44.76 -22.91
CA ASN C 211 -23.26 45.46 -21.64
C ASN C 211 -22.02 44.94 -20.93
N HIS C 212 -21.25 45.86 -20.34
CA HIS C 212 -20.03 45.54 -19.60
C HIS C 212 -20.08 46.30 -18.28
N LYS C 213 -20.65 45.67 -17.25
CA LYS C 213 -20.82 46.34 -15.96
C LYS C 213 -19.51 46.86 -15.36
N PRO C 214 -18.38 46.13 -15.40
CA PRO C 214 -17.16 46.70 -14.81
C PRO C 214 -16.74 48.03 -15.42
N SER C 215 -16.91 48.19 -16.73
CA SER C 215 -16.52 49.43 -17.39
C SER C 215 -17.63 50.47 -17.42
N ASN C 216 -18.83 50.13 -16.95
CA ASN C 216 -19.99 51.02 -17.05
C ASN C 216 -20.21 51.41 -18.51
N THR C 217 -20.29 50.41 -19.38
CA THR C 217 -20.35 50.60 -20.83
C THR C 217 -21.41 49.70 -21.42
N LYS C 218 -22.46 50.31 -21.97
CA LYS C 218 -23.45 49.61 -22.79
C LYS C 218 -23.27 50.07 -24.23
N VAL C 219 -23.26 49.12 -25.16
CA VAL C 219 -23.04 49.41 -26.57
C VAL C 219 -24.09 48.67 -27.39
N ASP C 220 -24.93 49.41 -28.09
CA ASP C 220 -25.86 48.85 -29.06
C ASP C 220 -25.27 49.08 -30.45
N LYS C 221 -25.03 48.00 -31.19
CA LYS C 221 -24.43 48.08 -32.51
C LYS C 221 -25.31 47.37 -33.53
N ARG C 222 -25.90 48.14 -34.45
CA ARG C 222 -26.73 47.56 -35.48
C ARG C 222 -25.88 46.76 -36.47
N VAL C 223 -26.35 45.56 -36.80
CA VAL C 223 -25.66 44.67 -37.73
C VAL C 223 -26.42 44.73 -39.06
N GLU C 224 -25.87 45.46 -40.03
CA GLU C 224 -26.53 45.53 -41.33
C GLU C 224 -25.77 44.71 -42.37
N PRO C 225 -26.47 44.21 -43.39
CA PRO C 225 -25.78 43.49 -44.48
C PRO C 225 -24.91 44.42 -45.31
N LYS C 226 -23.64 44.05 -45.45
CA LYS C 226 -22.69 44.86 -46.20
C LYS C 226 -22.63 44.41 -47.66
N ASP D 1 4.19 14.28 -5.79
CA ASP D 1 4.75 14.37 -7.14
C ASP D 1 4.25 13.24 -8.03
N ILE D 2 3.13 12.64 -7.64
CA ILE D 2 2.50 11.58 -8.42
C ILE D 2 1.46 12.22 -9.33
N GLN D 3 1.49 11.86 -10.62
CA GLN D 3 0.61 12.44 -11.61
C GLN D 3 -0.46 11.43 -12.03
N MET D 4 -1.70 11.90 -12.10
CA MET D 4 -2.87 11.09 -12.40
C MET D 4 -3.33 11.41 -13.81
N THR D 5 -3.42 10.40 -14.66
CA THR D 5 -3.79 10.61 -16.06
C THR D 5 -5.07 9.85 -16.34
N GLN D 6 -6.15 10.58 -16.67
CA GLN D 6 -7.36 9.88 -17.04
C GLN D 6 -7.37 9.62 -18.55
N SER D 7 -8.09 8.58 -18.96
CA SER D 7 -8.32 8.13 -20.31
C SER D 7 -9.72 7.54 -20.16
N PRO D 8 -10.65 7.87 -21.05
CA PRO D 8 -10.60 8.83 -22.15
C PRO D 8 -10.72 10.30 -21.79
N LEU D 9 -10.11 11.13 -22.64
CA LEU D 9 -10.23 12.58 -22.51
C LEU D 9 -11.69 13.00 -22.57
N SER D 10 -12.42 12.50 -23.56
CA SER D 10 -13.84 12.76 -23.70
C SER D 10 -14.54 11.49 -24.14
N LEU D 11 -15.81 11.37 -23.76
CA LEU D 11 -16.61 10.19 -24.05
C LEU D 11 -18.04 10.67 -24.25
N SER D 12 -18.61 10.33 -25.41
CA SER D 12 -20.00 10.61 -25.70
C SER D 12 -20.85 9.36 -25.51
N ALA D 13 -21.95 9.52 -24.79
CA ALA D 13 -22.78 8.41 -24.34
C ALA D 13 -24.24 8.85 -24.37
N SER D 14 -25.13 7.87 -24.25
CA SER D 14 -26.57 8.10 -24.24
C SER D 14 -27.14 7.68 -22.90
N VAL D 15 -28.25 8.33 -22.52
CA VAL D 15 -28.98 7.95 -21.32
C VAL D 15 -29.32 6.46 -21.37
N GLY D 16 -29.10 5.78 -20.25
CA GLY D 16 -29.24 4.35 -20.15
C GLY D 16 -27.98 3.56 -20.40
N ASP D 17 -26.94 4.17 -20.97
CA ASP D 17 -25.72 3.43 -21.28
C ASP D 17 -24.96 3.12 -19.99
N ARG D 18 -24.21 2.01 -20.01
CA ARG D 18 -23.20 1.77 -18.99
C ARG D 18 -21.90 2.45 -19.39
N VAL D 19 -21.35 3.25 -18.49
CA VAL D 19 -20.19 4.09 -18.75
C VAL D 19 -19.11 3.80 -17.71
N THR D 20 -17.88 3.57 -18.17
CA THR D 20 -16.75 3.35 -17.27
C THR D 20 -15.62 4.30 -17.63
N ILE D 21 -15.07 4.97 -16.62
CA ILE D 21 -13.95 5.88 -16.77
C ILE D 21 -12.75 5.31 -16.03
N THR D 22 -11.59 5.34 -16.67
CA THR D 22 -10.37 4.77 -16.10
C THR D 22 -9.46 5.90 -15.63
N CYS D 23 -8.71 5.64 -14.57
CA CYS D 23 -7.78 6.59 -13.99
C CYS D 23 -6.52 5.82 -13.62
N ARG D 24 -5.36 6.26 -14.09
CA ARG D 24 -4.10 5.60 -13.79
C ARG D 24 -3.14 6.51 -13.07
N ALA D 25 -2.38 5.94 -12.14
CA ALA D 25 -1.35 6.63 -11.38
C ALA D 25 0.04 6.25 -11.87
N THR D 26 0.99 7.15 -11.64
CA THR D 26 2.39 6.85 -11.96
C THR D 26 2.97 5.83 -10.99
N GLN D 27 3.00 6.16 -9.71
CA GLN D 27 3.49 5.29 -8.65
C GLN D 27 2.32 4.65 -7.93
N SER D 28 2.60 3.56 -7.21
CA SER D 28 1.55 2.82 -6.54
C SER D 28 1.02 3.62 -5.36
N ILE D 29 -0.29 3.79 -5.31
CA ILE D 29 -0.95 4.56 -4.26
C ILE D 29 -1.86 3.68 -3.41
N ASN D 30 -1.60 2.37 -3.40
CA ASN D 30 -2.42 1.41 -2.65
C ASN D 30 -3.89 1.55 -3.04
N ASN D 31 -4.68 2.23 -2.20
CA ASN D 31 -6.08 2.47 -2.49
C ASN D 31 -6.50 3.86 -2.04
N TRP D 32 -5.57 4.83 -2.05
CA TRP D 32 -5.86 6.20 -1.65
C TRP D 32 -6.25 7.02 -2.88
N LEU D 33 -7.46 6.76 -3.36
CA LEU D 33 -7.99 7.33 -4.60
C LEU D 33 -9.42 7.77 -4.35
N ALA D 34 -9.74 9.01 -4.75
CA ALA D 34 -11.11 9.50 -4.67
C ALA D 34 -11.59 9.90 -6.06
N TRP D 35 -12.91 9.97 -6.21
CA TRP D 35 -13.56 10.38 -7.44
C TRP D 35 -14.52 11.52 -7.16
N TYR D 36 -14.59 12.48 -8.07
CA TYR D 36 -15.48 13.62 -7.94
C TYR D 36 -16.30 13.82 -9.20
N GLN D 37 -17.48 14.41 -9.03
CA GLN D 37 -18.32 14.88 -10.12
C GLN D 37 -18.31 16.41 -10.11
N GLN D 38 -18.17 17.00 -11.30
CA GLN D 38 -18.32 18.44 -11.46
C GLN D 38 -19.26 18.76 -12.60
N LYS D 39 -20.19 19.68 -12.35
CA LYS D 39 -21.04 20.28 -13.37
C LYS D 39 -20.56 21.68 -13.67
N SER D 40 -20.86 22.15 -14.88
CA SER D 40 -20.43 23.47 -15.31
C SER D 40 -20.90 24.56 -14.35
N GLY D 41 -19.95 25.31 -13.80
CA GLY D 41 -20.23 26.39 -12.90
C GLY D 41 -20.38 26.00 -11.44
N LYS D 42 -20.21 24.73 -11.11
CA LYS D 42 -20.40 24.24 -9.74
C LYS D 42 -19.10 23.67 -9.19
N ALA D 43 -19.02 23.65 -7.86
CA ALA D 43 -17.94 22.98 -7.16
C ALA D 43 -18.02 21.48 -7.42
N PRO D 44 -16.90 20.77 -7.32
CA PRO D 44 -16.95 19.31 -7.42
C PRO D 44 -17.68 18.70 -6.23
N LYS D 45 -18.19 17.49 -6.44
CA LYS D 45 -18.84 16.73 -5.39
C LYS D 45 -18.23 15.33 -5.32
N LEU D 46 -17.95 14.89 -4.09
CA LEU D 46 -17.37 13.57 -3.86
C LEU D 46 -18.36 12.47 -4.25
N LEU D 47 -17.89 11.48 -5.00
CA LEU D 47 -18.65 10.28 -5.31
C LEU D 47 -18.17 9.07 -4.53
N ILE D 48 -16.86 8.84 -4.54
CA ILE D 48 -16.24 7.60 -4.11
C ILE D 48 -14.93 7.96 -3.43
N TYR D 49 -14.63 7.28 -2.32
CA TYR D 49 -13.31 7.41 -1.71
C TYR D 49 -12.74 6.05 -1.38
N LYS D 50 -11.44 6.05 -1.08
CA LYS D 50 -10.66 4.85 -0.83
C LYS D 50 -10.90 3.81 -1.93
N ALA D 51 -10.96 4.30 -3.17
CA ALA D 51 -10.99 3.49 -4.39
C ALA D 51 -12.34 2.82 -4.60
N SER D 52 -12.99 2.37 -3.51
CA SER D 52 -14.16 1.52 -3.64
C SER D 52 -15.26 1.79 -2.61
N ARG D 53 -15.23 2.90 -1.89
CA ARG D 53 -16.22 3.20 -0.87
C ARG D 53 -17.11 4.33 -1.35
N LEU D 54 -18.43 4.14 -1.24
CA LEU D 54 -19.38 5.13 -1.73
C LEU D 54 -19.62 6.18 -0.66
N GLU D 55 -19.53 7.45 -1.06
CA GLU D 55 -19.79 8.54 -0.13
C GLU D 55 -21.28 8.61 0.18
N SER D 56 -21.61 8.81 1.45
CA SER D 56 -22.99 8.82 1.91
C SER D 56 -23.85 9.78 1.07
N GLY D 57 -25.01 9.30 0.66
CA GLY D 57 -25.93 10.06 -0.17
C GLY D 57 -25.70 9.96 -1.67
N VAL D 58 -24.54 9.50 -2.11
CA VAL D 58 -24.32 9.31 -3.54
C VAL D 58 -25.16 8.13 -4.03
N PRO D 59 -25.77 8.20 -5.21
CA PRO D 59 -26.63 7.10 -5.66
C PRO D 59 -25.85 5.79 -5.79
N SER D 60 -26.59 4.69 -5.69
CA SER D 60 -25.97 3.36 -5.71
C SER D 60 -25.37 3.01 -7.06
N ARG D 61 -25.74 3.72 -8.13
CA ARG D 61 -25.21 3.39 -9.44
C ARG D 61 -23.73 3.74 -9.59
N PHE D 62 -23.17 4.53 -8.67
CA PHE D 62 -21.75 4.86 -8.72
C PHE D 62 -20.98 3.79 -7.96
N SER D 63 -19.92 3.28 -8.56
CA SER D 63 -19.00 2.40 -7.86
C SER D 63 -17.59 2.61 -8.37
N GLY D 64 -16.63 2.02 -7.69
CA GLY D 64 -15.24 2.25 -7.99
C GLY D 64 -14.44 1.00 -7.68
N SER D 65 -13.39 0.78 -8.46
CA SER D 65 -12.59 -0.43 -8.36
C SER D 65 -11.14 -0.11 -8.67
N GLY D 66 -10.24 -0.83 -8.00
CA GLY D 66 -8.84 -0.81 -8.38
C GLY D 66 -7.94 -0.67 -7.18
N SER D 67 -6.64 -0.75 -7.47
CA SER D 67 -5.58 -0.62 -6.49
C SER D 67 -4.27 -0.43 -7.26
N GLY D 68 -3.28 0.14 -6.58
CA GLY D 68 -1.97 0.17 -7.18
C GLY D 68 -1.80 1.34 -8.12
N THR D 69 -1.82 1.07 -9.42
CA THR D 69 -1.72 2.13 -10.43
C THR D 69 -2.91 2.26 -11.36
N GLU D 70 -3.84 1.30 -11.37
CA GLU D 70 -4.96 1.33 -12.30
C GLU D 70 -6.28 1.31 -11.53
N PHE D 71 -7.18 2.21 -11.87
CA PHE D 71 -8.45 2.35 -11.17
C PHE D 71 -9.56 2.61 -12.19
N THR D 72 -10.79 2.29 -11.79
CA THR D 72 -11.95 2.59 -12.64
C THR D 72 -13.08 3.17 -11.80
N LEU D 73 -13.85 4.05 -12.43
CA LEU D 73 -15.15 4.51 -11.95
C LEU D 73 -16.22 4.03 -12.90
N THR D 74 -17.27 3.40 -12.38
CA THR D 74 -18.34 2.91 -13.25
C THR D 74 -19.68 3.45 -12.76
N ILE D 75 -20.47 3.95 -13.71
CA ILE D 75 -21.85 4.32 -13.51
C ILE D 75 -22.71 3.25 -14.17
N SER D 76 -23.44 2.48 -13.38
CA SER D 76 -24.08 1.29 -13.91
C SER D 76 -25.13 1.63 -14.95
N SER D 77 -25.83 2.75 -14.77
CA SER D 77 -26.90 3.15 -15.68
C SER D 77 -26.99 4.68 -15.68
N LEU D 78 -26.44 5.29 -16.73
CA LEU D 78 -26.25 6.74 -16.76
C LEU D 78 -27.60 7.44 -16.79
N GLN D 79 -27.72 8.52 -16.02
CA GLN D 79 -28.98 9.25 -15.87
C GLN D 79 -28.80 10.64 -16.44
N PRO D 80 -29.91 11.38 -16.71
CA PRO D 80 -29.75 12.70 -17.33
C PRO D 80 -28.97 13.69 -16.49
N ASP D 81 -29.11 13.62 -15.16
CA ASP D 81 -28.41 14.50 -14.24
C ASP D 81 -26.91 14.24 -14.22
N ASP D 82 -26.45 13.16 -14.86
CA ASP D 82 -25.08 12.65 -14.76
C ASP D 82 -24.16 13.15 -15.86
N PHE D 83 -24.68 13.83 -16.88
CA PHE D 83 -23.81 14.41 -17.90
C PHE D 83 -23.02 15.56 -17.31
N ALA D 84 -21.70 15.42 -17.28
CA ALA D 84 -20.81 16.25 -16.46
C ALA D 84 -19.36 15.82 -16.70
N THR D 85 -18.41 16.46 -16.01
CA THR D 85 -17.02 16.02 -16.03
C THR D 85 -16.68 15.36 -14.70
N TYR D 86 -15.91 14.27 -14.77
CA TYR D 86 -15.51 13.51 -13.60
C TYR D 86 -14.00 13.54 -13.45
N TYR D 87 -13.54 13.75 -12.21
CA TYR D 87 -12.12 13.81 -11.87
C TYR D 87 -11.78 12.72 -10.87
N CYS D 88 -10.63 12.07 -11.06
CA CYS D 88 -10.03 11.29 -9.98
C CYS D 88 -8.96 12.11 -9.26
N GLN D 89 -8.62 11.64 -8.06
CA GLN D 89 -7.66 12.32 -7.20
C GLN D 89 -6.93 11.28 -6.37
N GLN D 90 -5.59 11.32 -6.40
CA GLN D 90 -4.82 10.52 -5.46
C GLN D 90 -4.49 11.34 -4.22
N TYR D 91 -4.45 10.64 -3.07
CA TYR D 91 -4.01 11.25 -1.83
C TYR D 91 -3.06 10.34 -1.07
N GLY D 92 -2.32 9.49 -1.80
CA GLY D 92 -1.30 8.67 -1.15
C GLY D 92 -0.03 9.43 -0.85
N SER D 93 0.31 10.42 -1.68
CA SER D 93 1.43 11.32 -1.43
C SER D 93 1.02 12.68 -1.97
N SER D 94 0.72 13.61 -1.07
CA SER D 94 0.16 14.92 -1.41
C SER D 94 -1.21 14.71 -2.05
N TRP D 95 -1.60 15.60 -2.96
CA TRP D 95 -2.96 15.63 -3.52
C TRP D 95 -2.89 16.05 -4.98
N THR D 96 -3.26 15.14 -5.89
CA THR D 96 -3.19 15.45 -7.31
C THR D 96 -4.43 14.93 -8.00
N PHE D 97 -4.90 15.68 -9.00
CA PHE D 97 -6.10 15.40 -9.76
C PHE D 97 -5.78 14.87 -11.15
N GLY D 98 -6.62 13.98 -11.65
CA GLY D 98 -6.61 13.66 -13.07
C GLY D 98 -6.99 14.87 -13.93
N GLN D 99 -6.83 14.70 -15.24
CA GLN D 99 -7.10 15.80 -16.17
C GLN D 99 -8.57 15.98 -16.49
N GLY D 100 -9.45 15.11 -16.00
CA GLY D 100 -10.86 15.23 -16.33
C GLY D 100 -11.35 14.38 -17.49
N THR D 101 -12.59 13.89 -17.35
CA THR D 101 -13.28 13.14 -18.39
C THR D 101 -14.63 13.78 -18.60
N LYS D 102 -14.87 14.30 -19.80
CA LYS D 102 -16.16 14.89 -20.15
C LYS D 102 -17.10 13.81 -20.70
N VAL D 103 -18.28 13.72 -20.09
CA VAL D 103 -19.34 12.83 -20.55
C VAL D 103 -20.32 13.65 -21.38
N GLU D 104 -20.23 13.48 -22.70
CA GLU D 104 -21.10 14.18 -23.64
C GLU D 104 -22.36 13.37 -23.91
N ILE D 105 -23.45 14.09 -24.20
CA ILE D 105 -24.65 13.42 -24.68
C ILE D 105 -24.38 12.92 -26.09
N LYS D 106 -24.66 11.65 -26.34
CA LYS D 106 -24.56 11.12 -27.69
C LYS D 106 -25.73 11.59 -28.54
N ARG D 107 -25.44 11.91 -29.79
CA ARG D 107 -26.45 12.16 -30.81
C ARG D 107 -25.87 11.78 -32.16
N THR D 108 -26.68 11.93 -33.21
CA THR D 108 -26.22 11.55 -34.52
C THR D 108 -25.20 12.57 -35.04
N VAL D 109 -24.42 12.15 -36.03
CA VAL D 109 -23.40 13.02 -36.60
C VAL D 109 -24.05 14.19 -37.32
N ALA D 110 -23.52 15.39 -37.10
CA ALA D 110 -24.02 16.60 -37.73
C ALA D 110 -22.85 17.35 -38.37
N ALA D 111 -22.99 17.65 -39.65
CA ALA D 111 -21.97 18.45 -40.33
C ALA D 111 -22.08 19.91 -39.90
N PRO D 112 -20.96 20.62 -39.73
CA PRO D 112 -21.05 22.05 -39.46
C PRO D 112 -21.46 22.82 -40.69
N SER D 113 -22.15 23.94 -40.46
CA SER D 113 -22.24 25.01 -41.45
C SER D 113 -21.09 25.98 -41.25
N VAL D 114 -20.41 26.34 -42.35
CA VAL D 114 -19.19 27.12 -42.28
C VAL D 114 -19.47 28.50 -42.88
N PHE D 115 -18.95 29.54 -42.21
CA PHE D 115 -19.11 30.90 -42.68
C PHE D 115 -17.80 31.63 -42.46
N ILE D 116 -17.45 32.54 -43.38
CA ILE D 116 -16.29 33.39 -43.21
C ILE D 116 -16.75 34.84 -43.19
N PHE D 117 -16.16 35.64 -42.31
CA PHE D 117 -16.49 37.05 -42.18
C PHE D 117 -15.24 37.89 -42.41
N PRO D 118 -15.24 38.81 -43.37
CA PRO D 118 -14.12 39.75 -43.48
C PRO D 118 -14.12 40.72 -42.32
N PRO D 119 -12.98 41.32 -41.97
CA PRO D 119 -13.00 42.39 -40.99
C PRO D 119 -13.83 43.57 -41.48
N SER D 120 -14.48 44.25 -40.53
CA SER D 120 -15.39 45.33 -40.88
C SER D 120 -14.62 46.61 -41.15
N ASP D 121 -15.25 47.52 -41.89
CA ASP D 121 -14.66 48.83 -42.11
C ASP D 121 -14.44 49.57 -40.80
N GLU D 122 -15.37 49.44 -39.85
CA GLU D 122 -15.19 50.13 -38.57
C GLU D 122 -13.95 49.62 -37.85
N GLN D 123 -13.69 48.32 -37.91
CA GLN D 123 -12.49 47.78 -37.28
C GLN D 123 -11.25 48.22 -38.03
N LEU D 124 -11.29 48.14 -39.37
CA LEU D 124 -10.10 48.44 -40.16
C LEU D 124 -9.66 49.88 -39.91
N LYS D 125 -10.62 50.82 -39.87
CA LYS D 125 -10.30 52.22 -39.63
C LYS D 125 -9.52 52.42 -38.33
N SER D 126 -9.39 51.39 -37.50
CA SER D 126 -8.74 51.49 -36.20
C SER D 126 -7.36 50.86 -36.17
N GLY D 127 -6.95 50.16 -37.23
CA GLY D 127 -5.62 49.60 -37.31
C GLY D 127 -5.50 48.12 -37.02
N THR D 128 -6.61 47.41 -36.79
CA THR D 128 -6.57 45.97 -36.59
C THR D 128 -7.63 45.31 -37.47
N ALA D 129 -7.32 44.08 -37.91
CA ALA D 129 -8.21 43.30 -38.76
C ALA D 129 -8.41 41.93 -38.13
N SER D 130 -9.66 41.59 -37.82
CA SER D 130 -10.02 40.27 -37.30
C SER D 130 -10.89 39.54 -38.31
N VAL D 131 -10.45 38.36 -38.73
CA VAL D 131 -11.18 37.52 -39.67
C VAL D 131 -11.72 36.32 -38.92
N VAL D 132 -13.02 36.06 -39.08
CA VAL D 132 -13.74 35.09 -38.27
C VAL D 132 -14.24 33.94 -39.14
N CYS D 133 -14.07 32.72 -38.65
CA CYS D 133 -14.61 31.52 -39.29
C CYS D 133 -15.53 30.85 -38.28
N LEU D 134 -16.77 30.61 -38.69
CA LEU D 134 -17.78 30.01 -37.83
C LEU D 134 -18.12 28.60 -38.28
N LEU D 135 -18.14 27.66 -37.33
CA LEU D 135 -18.62 26.31 -37.58
C LEU D 135 -19.85 26.11 -36.69
N ASN D 136 -21.02 26.04 -37.30
CA ASN D 136 -22.28 26.14 -36.58
C ASN D 136 -22.94 24.78 -36.48
N ASN D 137 -23.26 24.36 -35.24
CA ASN D 137 -24.14 23.22 -34.97
C ASN D 137 -23.61 21.94 -35.64
N PHE D 138 -22.53 21.42 -35.07
CA PHE D 138 -21.91 20.20 -35.56
C PHE D 138 -21.82 19.18 -34.43
N TYR D 139 -21.50 17.93 -34.80
CA TYR D 139 -21.28 16.89 -33.81
C TYR D 139 -20.56 15.74 -34.48
N PRO D 140 -19.57 15.10 -33.82
CA PRO D 140 -19.05 15.37 -32.48
C PRO D 140 -18.23 16.66 -32.39
N ARG D 141 -17.58 16.86 -31.23
CA ARG D 141 -16.91 18.13 -30.97
C ARG D 141 -15.58 18.23 -31.71
N GLU D 142 -14.93 17.08 -31.97
CA GLU D 142 -13.62 17.09 -32.60
C GLU D 142 -13.71 17.62 -34.02
N ALA D 143 -13.02 18.72 -34.29
CA ALA D 143 -13.02 19.35 -35.60
C ALA D 143 -11.71 20.10 -35.81
N LYS D 144 -11.26 20.13 -37.06
CA LYS D 144 -10.01 20.78 -37.44
C LYS D 144 -10.36 22.02 -38.27
N VAL D 145 -9.85 23.17 -37.86
CA VAL D 145 -9.93 24.40 -38.64
C VAL D 145 -8.52 24.83 -39.01
N GLN D 146 -8.31 25.14 -40.29
CA GLN D 146 -7.03 25.56 -40.82
C GLN D 146 -7.21 26.83 -41.63
N TRP D 147 -6.40 27.84 -41.32
CA TRP D 147 -6.44 29.13 -42.01
C TRP D 147 -5.37 29.19 -43.07
N LYS D 148 -5.76 29.57 -44.28
CA LYS D 148 -4.85 29.68 -45.41
C LYS D 148 -4.99 31.11 -45.92
N VAL D 149 -3.87 31.84 -45.94
CA VAL D 149 -3.83 33.21 -46.43
C VAL D 149 -2.97 33.24 -47.68
N ASP D 150 -3.59 33.55 -48.83
CA ASP D 150 -2.96 33.35 -50.14
C ASP D 150 -2.39 31.93 -50.27
N ASN D 151 -3.18 30.96 -49.80
CA ASN D 151 -2.85 29.54 -49.82
C ASN D 151 -1.64 29.20 -48.95
N ALA D 152 -1.33 30.03 -47.97
CA ALA D 152 -0.25 29.76 -47.02
C ALA D 152 -0.90 29.42 -45.68
N LEU D 153 -0.76 28.15 -45.25
CA LEU D 153 -1.39 27.75 -44.00
C LEU D 153 -0.84 28.61 -42.86
N GLN D 154 -1.74 29.12 -42.03
CA GLN D 154 -1.36 30.00 -40.92
C GLN D 154 -1.19 29.23 -39.62
N SER D 155 -0.27 29.72 -38.79
CA SER D 155 -0.10 29.20 -37.45
C SER D 155 0.32 30.33 -36.53
N GLY D 156 -0.18 30.30 -35.29
CA GLY D 156 0.19 31.24 -34.27
C GLY D 156 -0.61 32.52 -34.26
N ASN D 157 -1.34 32.82 -35.34
CA ASN D 157 -2.09 34.06 -35.47
C ASN D 157 -3.59 33.83 -35.52
N SER D 158 -4.07 32.76 -34.88
CA SER D 158 -5.49 32.48 -34.80
C SER D 158 -5.82 32.03 -33.38
N GLN D 159 -7.08 32.24 -33.00
CA GLN D 159 -7.61 31.77 -31.73
C GLN D 159 -8.95 31.08 -31.98
N GLU D 160 -9.25 30.06 -31.19
CA GLU D 160 -10.53 29.38 -31.36
C GLU D 160 -11.27 29.27 -30.03
N SER D 161 -12.57 29.06 -30.15
CA SER D 161 -13.47 28.97 -29.01
C SER D 161 -14.61 28.03 -29.39
N VAL D 162 -15.06 27.20 -28.45
CA VAL D 162 -16.11 26.25 -28.75
C VAL D 162 -17.15 26.30 -27.65
N THR D 163 -18.41 26.10 -28.01
CA THR D 163 -19.50 26.17 -27.05
C THR D 163 -19.72 24.82 -26.36
N GLU D 164 -20.39 24.88 -25.22
CA GLU D 164 -20.90 23.66 -24.61
C GLU D 164 -22.05 23.11 -25.44
N GLN D 165 -22.39 21.84 -25.20
CA GLN D 165 -23.47 21.22 -25.97
C GLN D 165 -24.75 22.04 -25.84
N ASP D 166 -25.35 22.34 -27.00
CA ASP D 166 -26.58 23.12 -27.02
C ASP D 166 -27.68 22.40 -26.26
N SER D 167 -28.42 23.17 -25.45
CA SER D 167 -29.41 22.57 -24.57
C SER D 167 -30.65 22.10 -25.33
N LYS D 168 -30.86 22.57 -26.55
CA LYS D 168 -31.98 22.10 -27.36
C LYS D 168 -31.60 20.91 -28.24
N ASP D 169 -30.49 20.98 -28.97
CA ASP D 169 -30.17 19.97 -29.97
C ASP D 169 -28.83 19.27 -29.76
N SER D 170 -28.12 19.56 -28.66
CA SER D 170 -26.92 18.82 -28.25
C SER D 170 -25.77 18.97 -29.25
N THR D 171 -25.81 19.97 -30.12
CA THR D 171 -24.68 20.24 -30.99
C THR D 171 -23.69 21.19 -30.34
N TYR D 172 -22.54 21.35 -30.99
CA TYR D 172 -21.53 22.34 -30.66
C TYR D 172 -21.44 23.39 -31.75
N SER D 173 -20.89 24.55 -31.40
CA SER D 173 -20.53 25.56 -32.37
C SER D 173 -19.11 26.05 -32.06
N LEU D 174 -18.45 26.60 -33.08
CA LEU D 174 -17.02 26.87 -32.95
C LEU D 174 -16.65 28.14 -33.70
N SER D 175 -15.83 28.95 -33.05
CA SER D 175 -15.33 30.22 -33.58
C SER D 175 -13.83 30.13 -33.79
N SER D 176 -13.34 30.62 -34.92
CA SER D 176 -11.91 30.82 -35.10
C SER D 176 -11.67 32.22 -35.61
N THR D 177 -10.79 32.97 -34.96
CA THR D 177 -10.52 34.36 -35.29
C THR D 177 -9.08 34.52 -35.74
N LEU D 178 -8.88 35.06 -36.94
CA LEU D 178 -7.57 35.43 -37.43
C LEU D 178 -7.37 36.93 -37.25
N THR D 179 -6.28 37.32 -36.60
CA THR D 179 -6.02 38.73 -36.33
C THR D 179 -4.74 39.17 -37.01
N LEU D 180 -4.83 40.17 -37.88
CA LEU D 180 -3.70 40.80 -38.52
C LEU D 180 -3.80 42.32 -38.36
N SER D 181 -2.64 42.98 -38.42
CA SER D 181 -2.64 44.43 -38.53
C SER D 181 -3.32 44.85 -39.83
N LYS D 182 -3.85 46.08 -39.83
CA LYS D 182 -4.42 46.62 -41.08
C LYS D 182 -3.41 46.53 -42.22
N ALA D 183 -2.16 46.88 -41.96
CA ALA D 183 -1.13 46.76 -42.99
C ALA D 183 -1.05 45.33 -43.50
N ASP D 184 -0.84 44.37 -42.59
CA ASP D 184 -0.71 42.98 -42.99
C ASP D 184 -1.96 42.47 -43.70
N TYR D 185 -3.15 42.87 -43.21
CA TYR D 185 -4.38 42.51 -43.90
C TYR D 185 -4.36 43.00 -45.35
N GLU D 186 -3.84 44.20 -45.58
CA GLU D 186 -3.82 44.77 -46.91
C GLU D 186 -2.71 44.17 -47.75
N LYS D 187 -1.83 43.39 -47.11
CA LYS D 187 -0.72 42.71 -47.79
C LYS D 187 -1.15 41.43 -48.48
N HIS D 188 -2.37 40.94 -48.28
CA HIS D 188 -2.77 39.64 -48.80
C HIS D 188 -4.14 39.77 -49.45
N LYS D 189 -4.42 38.84 -50.37
CA LYS D 189 -5.65 38.90 -51.14
C LYS D 189 -6.66 37.86 -50.72
N VAL D 190 -6.21 36.62 -50.55
CA VAL D 190 -7.09 35.45 -50.43
C VAL D 190 -7.09 35.00 -48.98
N TYR D 191 -8.26 34.99 -48.34
CA TYR D 191 -8.36 34.57 -46.96
C TYR D 191 -9.29 33.36 -46.89
N ALA D 192 -8.79 32.26 -46.33
CA ALA D 192 -9.50 30.99 -46.38
C ALA D 192 -9.41 30.31 -45.02
N CYS D 193 -10.55 29.81 -44.53
CA CYS D 193 -10.58 28.86 -43.43
C CYS D 193 -11.08 27.51 -43.96
N GLU D 194 -10.35 26.44 -43.66
CA GLU D 194 -10.64 25.12 -44.17
C GLU D 194 -11.03 24.22 -43.00
N VAL D 195 -12.13 23.50 -43.17
CA VAL D 195 -12.78 22.75 -42.10
C VAL D 195 -12.77 21.28 -42.48
N THR D 196 -12.22 20.45 -41.59
CA THR D 196 -12.35 19.01 -41.68
C THR D 196 -13.17 18.53 -40.49
N HIS D 197 -14.01 17.53 -40.73
CA HIS D 197 -14.96 17.06 -39.73
C HIS D 197 -15.43 15.68 -40.15
N GLN D 198 -15.91 14.90 -39.18
CA GLN D 198 -16.34 13.54 -39.47
C GLN D 198 -17.66 13.51 -40.24
N GLY D 199 -18.45 14.58 -40.16
CA GLY D 199 -19.67 14.67 -40.95
C GLY D 199 -19.49 15.14 -42.37
N LEU D 200 -18.27 15.53 -42.75
CA LEU D 200 -17.96 16.04 -44.08
C LEU D 200 -17.15 15.02 -44.87
N SER D 201 -17.64 14.70 -46.07
CA SER D 201 -16.96 13.74 -46.93
C SER D 201 -15.54 14.21 -47.27
N SER D 202 -15.38 15.50 -47.52
CA SER D 202 -14.09 16.11 -47.81
C SER D 202 -14.05 17.46 -47.11
N PRO D 203 -12.85 18.01 -46.88
CA PRO D 203 -12.76 19.33 -46.25
C PRO D 203 -13.57 20.40 -46.99
N VAL D 204 -14.21 21.27 -46.21
CA VAL D 204 -14.95 22.41 -46.72
C VAL D 204 -14.08 23.64 -46.61
N THR D 205 -13.91 24.35 -47.72
CA THR D 205 -13.17 25.61 -47.75
C THR D 205 -14.13 26.76 -48.00
N LYS D 206 -14.05 27.78 -47.15
CA LYS D 206 -14.78 29.03 -47.31
C LYS D 206 -13.78 30.16 -47.35
N SER D 207 -14.03 31.12 -48.25
CA SER D 207 -12.98 31.93 -48.83
C SER D 207 -13.57 33.26 -49.27
N PHE D 208 -12.75 34.31 -49.22
CA PHE D 208 -13.12 35.57 -49.83
C PHE D 208 -11.89 36.20 -50.46
N ASN D 209 -12.16 37.11 -51.38
CA ASN D 209 -11.20 38.08 -51.91
C ASN D 209 -11.55 39.48 -51.40
N ARG D 210 -10.52 40.18 -50.94
CA ARG D 210 -10.61 41.44 -50.24
C ARG D 210 -11.08 42.56 -51.16
N GLY D 211 -12.34 42.49 -51.57
CA GLY D 211 -12.94 43.46 -52.46
C GLY D 211 -14.27 42.99 -53.01
N ASN E 1 11.26 5.75 9.54
CA ASN E 1 9.96 6.41 9.45
C ASN E 1 8.98 5.77 10.42
N ALA E 2 7.74 6.27 10.43
CA ALA E 2 6.74 5.74 11.33
C ALA E 2 6.25 4.38 10.84
N ASN E 3 5.55 3.68 11.73
CA ASN E 3 5.01 2.36 11.45
C ASN E 3 3.68 2.46 10.73
N PRO E 4 3.24 1.40 10.02
CA PRO E 4 1.99 1.54 9.27
C PRO E 4 0.79 1.51 10.20
N ASN E 5 -0.13 2.47 10.01
CA ASN E 5 -1.35 2.47 10.80
C ASN E 5 -2.12 1.16 10.60
N ALA E 6 -2.79 0.72 11.68
CA ALA E 6 -3.65 -0.47 11.69
C ALA E 6 -5.12 -0.10 11.82
N ASN E 7 -5.46 1.18 11.62
CA ASN E 7 -6.86 1.60 11.55
C ASN E 7 -7.29 1.59 10.09
N PRO E 8 -7.97 0.53 9.64
CA PRO E 8 -8.23 0.38 8.19
C PRO E 8 -9.08 1.49 7.60
N ASN E 9 -9.73 2.30 8.42
CA ASN E 9 -10.55 3.41 7.94
C ASN E 9 -9.84 4.75 8.04
N ALA E 10 -8.57 4.78 8.45
CA ALA E 10 -7.85 6.02 8.64
C ALA E 10 -7.21 6.49 7.35
N ASN E 11 -7.00 7.80 7.26
CA ASN E 11 -6.34 8.40 6.11
C ASN E 11 -4.82 8.22 6.23
N PRO E 12 -4.10 8.25 5.10
CA PRO E 12 -2.67 7.92 5.13
C PRO E 12 -1.87 8.99 5.86
N ASN E 13 -1.08 8.57 6.84
CA ASN E 13 -0.21 9.48 7.57
C ASN E 13 0.74 10.18 6.61
N ALA E 14 1.01 11.46 6.88
CA ALA E 14 1.93 12.25 6.10
C ALA E 14 3.12 12.67 6.96
N ASN E 15 4.27 12.84 6.33
CA ASN E 15 5.46 13.28 7.04
C ASN E 15 5.28 14.72 7.50
N PRO E 16 5.50 15.02 8.78
CA PRO E 16 5.16 16.35 9.32
C PRO E 16 6.04 17.47 8.77
N ASN E 17 5.82 18.67 9.29
CA ASN E 17 6.63 19.82 8.90
C ASN E 17 8.09 19.62 9.30
N ALA E 18 8.92 20.57 8.86
CA ALA E 18 10.31 20.63 9.31
C ALA E 18 10.57 21.77 10.29
N ASN E 19 9.66 22.73 10.38
CA ASN E 19 9.78 23.88 11.27
C ASN E 19 11.10 24.62 11.07
#